data_8SM1
#
_entry.id   8SM1
#
_cell.length_a   164.082
_cell.length_b   54.683
_cell.length_c   137.220
_cell.angle_alpha   90.00
_cell.angle_beta   111.71
_cell.angle_gamma   90.00
#
_symmetry.space_group_name_H-M   'C 1 2 1'
#
loop_
_entity.id
_entity.type
_entity.pdbx_description
1 polymer 'Envelope glycoprotein gp350'
2 polymer '769A9 Fab heavy chain'
3 polymer '769A9 Fab light chain'
4 non-polymer 2-acetamido-2-deoxy-beta-D-glucopyranose
5 non-polymer GLYCEROL
6 water water
#
loop_
_entity_poly.entity_id
_entity_poly.type
_entity_poly.pdbx_seq_one_letter_code
_entity_poly.pdbx_strand_id
1 'polypeptide(L)'
;MEAALLVCQYTIQSLIHLTGEDPGFFNVEIPEFPFYPTCNVCTADVNVTINFDVGGKKHQLDLDFGQLTPHTKAVYQPRG
AFGGSENATNLFLLELLGAGELALTMRSKKLPINVTTGEEQQVSLESVDVYFQDVFGTMWCHHAEMQNPVYLIPETVPYI
KWDNCNSTNITAVVRAQGLDVTLPLSLPTSAQDSNFSVKTEMLGNEIDIECIMEDGEISQVLPGDNKFNITCSGYESHVP
SGGILTSTSPVATPIPGTGYAYSLRLTPRPVSRFLGNNSILYVFYSGNGPKASGGDYCIQSNIVFSDEIPASQDMPTNTT
DITYVGDNATYSVPMVTSEDANSPNVTVTAFWAWPNNTETDFKCKWTLTSGTPSGCENISGAFASNRTFDITVSGLGTAP
KTLIITRTATNATTTTHKVIFSKAPHHHHHH
;
G
2 'polypeptide(L)'
;QVQLVQSGAELKTPGASVKVSCKASGYTFTGYYIHWVRQAPGEGLEWTGWINPNSGATRYGQKFQGRVTLTSDTSSSTVY
MEVSNLTSDDSAVYYCARELSYSIRGTGPLGYWGLGTLVTVSSASTKGPSVFPLAPSSKSTSGGTAALGCLVKDYFPEPV
TVSWNSGALTSGVHTFPAVLQSSGLYSLSSVVTVPSSSLGTQTYICNVNHKPSNTKVDKKVEPKSCDK
;
H
3 'polypeptide(L)'
;EIVLTQSPGTLSLSPGERATLSCRASQSVASKYLAWYQQKPGQAPRLLIYGASSRATGIPDRFSGSGSGTDFTLTISRLE
PEDFAVYYCQYYGSSPLTFGQGTKVEIKRTVAAPSVFIFPPSDEQLKSGTASVVCLLNNFYPREAKVQWKVDNALQSGNS
QESVTEQDSKDSTYSLSSTLTLSKADYEKHKVYACEVTHQGLSSPVTKSFNRGEC
;
L
#
loop_
_chem_comp.id
_chem_comp.type
_chem_comp.name
_chem_comp.formula
GOL non-polymer GLYCEROL 'C3 H8 O3'
NAG D-saccharide, beta linking 2-acetamido-2-deoxy-beta-D-glucopyranose 'C8 H15 N O6'
#
# COMPACT_ATOMS: atom_id res chain seq x y z
N ALA A 4 40.63 -15.62 -18.22
CA ALA A 4 39.81 -16.82 -18.12
C ALA A 4 38.54 -16.69 -18.95
N LEU A 5 37.76 -15.64 -18.68
CA LEU A 5 36.54 -15.38 -19.41
C LEU A 5 36.86 -14.51 -20.62
N LEU A 6 35.82 -13.95 -21.24
CA LEU A 6 35.97 -13.22 -22.49
C LEU A 6 36.10 -11.72 -22.23
N VAL A 7 36.60 -11.02 -23.25
CA VAL A 7 36.74 -9.56 -23.22
C VAL A 7 35.62 -8.96 -24.06
N CYS A 8 35.00 -7.91 -23.53
CA CYS A 8 33.81 -7.33 -24.15
C CYS A 8 34.17 -6.31 -25.22
N GLN A 9 33.29 -6.18 -26.20
CA GLN A 9 33.41 -5.19 -27.27
C GLN A 9 32.05 -4.52 -27.43
N TYR A 10 32.02 -3.19 -27.29
CA TYR A 10 30.78 -2.41 -27.38
C TYR A 10 29.78 -2.85 -26.30
N THR A 11 30.18 -2.60 -25.05
CA THR A 11 29.33 -2.92 -23.91
C THR A 11 28.30 -1.82 -23.66
N ILE A 12 27.07 -2.23 -23.37
CA ILE A 12 25.98 -1.32 -23.05
C ILE A 12 25.38 -1.76 -21.72
N GLN A 13 25.48 -0.91 -20.71
CA GLN A 13 25.02 -1.25 -19.37
C GLN A 13 23.68 -0.59 -19.07
N SER A 14 22.80 -1.33 -18.41
CA SER A 14 21.46 -0.86 -18.04
C SER A 14 21.37 -0.70 -16.53
N LEU A 15 20.26 -0.11 -16.10
CA LEU A 15 19.98 0.13 -14.69
C LEU A 15 18.58 -0.41 -14.39
N ILE A 16 18.51 -1.63 -13.88
CA ILE A 16 17.23 -2.26 -13.57
C ILE A 16 16.67 -1.67 -12.29
N HIS A 17 15.44 -1.18 -12.35
CA HIS A 17 14.75 -0.60 -11.21
C HIS A 17 13.49 -1.40 -10.93
N LEU A 18 13.39 -1.94 -9.72
CA LEU A 18 12.22 -2.69 -9.32
C LEU A 18 11.14 -1.77 -8.80
N THR A 19 9.90 -2.00 -9.22
CA THR A 19 8.74 -1.28 -8.73
C THR A 19 7.93 -2.17 -7.81
N GLY A 20 7.47 -1.60 -6.70
CA GLY A 20 6.73 -2.38 -5.72
C GLY A 20 7.60 -3.37 -4.99
N GLU A 21 7.30 -4.66 -5.14
CA GLU A 21 8.08 -5.74 -4.54
C GLU A 21 8.35 -6.81 -5.58
N ASP A 22 9.01 -7.88 -5.16
CA ASP A 22 9.36 -8.98 -6.06
C ASP A 22 8.22 -9.97 -6.13
N PRO A 23 7.70 -10.28 -7.32
CA PRO A 23 6.60 -11.26 -7.41
C PRO A 23 7.06 -12.70 -7.31
N GLY A 24 8.32 -13.00 -7.62
CA GLY A 24 8.81 -14.35 -7.57
C GLY A 24 9.78 -14.67 -8.68
N PHE A 25 9.88 -13.77 -9.66
CA PHE A 25 10.81 -13.93 -10.77
C PHE A 25 11.67 -12.67 -10.89
N PHE A 26 12.67 -12.76 -11.78
CA PHE A 26 13.61 -11.66 -12.00
C PHE A 26 13.79 -11.51 -13.51
N ASN A 27 13.03 -10.59 -14.11
CA ASN A 27 13.03 -10.38 -15.55
C ASN A 27 13.92 -9.19 -15.91
N VAL A 28 14.75 -9.37 -16.94
CA VAL A 28 15.60 -8.31 -17.46
C VAL A 28 15.55 -8.36 -18.99
N GLU A 29 15.06 -7.29 -19.59
CA GLU A 29 14.98 -7.19 -21.04
C GLU A 29 16.25 -6.54 -21.59
N ILE A 30 16.71 -7.06 -22.72
CA ILE A 30 17.93 -6.57 -23.36
C ILE A 30 17.64 -6.32 -24.83
N PRO A 31 17.34 -5.08 -25.23
CA PRO A 31 17.08 -4.77 -26.65
C PRO A 31 18.30 -4.36 -27.46
N GLU A 32 19.51 -4.57 -26.94
CA GLU A 32 20.71 -4.04 -27.58
C GLU A 32 21.31 -4.99 -28.61
N PHE A 33 21.23 -6.30 -28.38
CA PHE A 33 21.97 -7.25 -29.20
C PHE A 33 21.38 -7.32 -30.62
N PRO A 34 22.22 -7.44 -31.64
CA PRO A 34 21.72 -7.41 -33.02
C PRO A 34 21.19 -8.76 -33.48
N PHE A 35 20.01 -8.74 -34.08
CA PHE A 35 19.39 -9.92 -34.71
C PHE A 35 19.17 -9.57 -36.18
N TYR A 36 20.09 -10.03 -37.03
CA TYR A 36 20.12 -9.57 -38.41
C TYR A 36 18.93 -10.11 -39.19
N PRO A 37 18.36 -9.31 -40.09
CA PRO A 37 17.23 -9.76 -40.89
C PRO A 37 17.67 -10.56 -42.11
N THR A 38 16.75 -11.40 -42.59
CA THR A 38 16.96 -12.24 -43.78
C THR A 38 18.24 -13.06 -43.66
N CYS A 39 18.28 -13.90 -42.62
CA CYS A 39 19.44 -14.74 -42.38
C CYS A 39 19.01 -15.97 -41.59
N ASN A 40 19.02 -17.12 -42.26
CA ASN A 40 18.75 -18.40 -41.61
C ASN A 40 20.01 -19.06 -41.05
N VAL A 41 21.18 -18.48 -41.30
CA VAL A 41 22.45 -19.03 -40.86
C VAL A 41 23.09 -18.19 -39.76
N CYS A 42 22.36 -17.22 -39.21
CA CYS A 42 22.90 -16.33 -38.19
C CYS A 42 22.60 -16.92 -36.81
N THR A 43 23.60 -17.55 -36.22
CA THR A 43 23.52 -18.05 -34.86
C THR A 43 24.17 -17.04 -33.91
N ALA A 44 24.02 -17.29 -32.61
CA ALA A 44 24.57 -16.40 -31.60
C ALA A 44 24.76 -17.18 -30.31
N ASP A 45 26.01 -17.32 -29.88
CA ASP A 45 26.30 -17.95 -28.59
C ASP A 45 26.16 -16.92 -27.48
N VAL A 46 25.57 -17.33 -26.37
CA VAL A 46 25.29 -16.43 -25.25
C VAL A 46 25.68 -17.11 -23.95
N ASN A 47 26.63 -16.50 -23.24
CA ASN A 47 27.00 -16.90 -21.89
C ASN A 47 26.58 -15.80 -20.92
N VAL A 48 26.06 -16.20 -19.76
CA VAL A 48 25.54 -15.25 -18.78
C VAL A 48 26.35 -15.40 -17.50
N THR A 49 26.89 -14.29 -17.01
CA THR A 49 27.59 -14.24 -15.73
C THR A 49 26.77 -13.38 -14.77
N ILE A 50 26.48 -13.94 -13.60
CA ILE A 50 25.69 -13.25 -12.58
C ILE A 50 26.53 -13.14 -11.31
N ASN A 51 26.52 -11.95 -10.71
CA ASN A 51 27.27 -11.66 -9.50
C ASN A 51 26.31 -11.59 -8.32
N PHE A 52 26.54 -12.43 -7.32
CA PHE A 52 25.70 -12.48 -6.13
C PHE A 52 26.49 -11.98 -4.92
N ASP A 53 25.74 -11.62 -3.88
CA ASP A 53 26.30 -11.25 -2.59
C ASP A 53 25.58 -12.07 -1.52
N VAL A 54 26.29 -13.04 -0.94
CA VAL A 54 25.65 -13.97 -0.01
C VAL A 54 25.62 -13.37 1.39
N GLY A 55 26.80 -13.12 1.97
CA GLY A 55 26.91 -12.65 3.34
C GLY A 55 27.82 -11.45 3.49
N GLY A 56 27.80 -10.55 2.51
CA GLY A 56 28.76 -9.49 2.42
C GLY A 56 29.95 -9.81 1.55
N LYS A 57 30.12 -11.08 1.18
CA LYS A 57 31.17 -11.53 0.29
C LYS A 57 30.60 -11.78 -1.10
N LYS A 58 31.31 -11.31 -2.12
CA LYS A 58 30.84 -11.41 -3.49
C LYS A 58 30.87 -12.85 -3.98
N HIS A 59 30.05 -13.12 -4.99
CA HIS A 59 29.99 -14.44 -5.62
C HIS A 59 29.91 -14.25 -7.12
N GLN A 60 29.85 -15.37 -7.85
CA GLN A 60 29.81 -15.35 -9.30
C GLN A 60 29.18 -16.63 -9.80
N LEU A 61 28.28 -16.50 -10.78
CA LEU A 61 27.57 -17.63 -11.36
C LEU A 61 27.65 -17.53 -12.87
N ASP A 62 28.29 -18.51 -13.50
CA ASP A 62 28.44 -18.56 -14.94
C ASP A 62 27.39 -19.48 -15.55
N LEU A 63 26.61 -18.95 -16.49
CA LEU A 63 25.63 -19.73 -17.23
C LEU A 63 26.12 -19.96 -18.66
N ASP A 64 25.40 -20.83 -19.38
CA ASP A 64 25.72 -21.12 -20.77
C ASP A 64 24.45 -21.55 -21.47
N PHE A 65 24.03 -20.77 -22.47
CA PHE A 65 22.83 -21.08 -23.24
C PHE A 65 23.13 -21.61 -24.63
N GLY A 66 24.39 -21.62 -25.06
CA GLY A 66 24.72 -22.17 -26.35
C GLY A 66 24.28 -21.27 -27.50
N GLN A 67 24.27 -21.86 -28.70
CA GLN A 67 23.88 -21.14 -29.90
C GLN A 67 22.39 -20.80 -29.85
N LEU A 68 22.06 -19.66 -30.45
CA LEU A 68 20.67 -19.18 -30.52
C LEU A 68 20.22 -19.25 -31.98
N THR A 69 19.45 -20.29 -32.30
CA THR A 69 18.82 -20.39 -33.61
C THR A 69 17.58 -19.53 -33.62
N PRO A 70 17.58 -18.40 -34.34
CA PRO A 70 16.46 -17.45 -34.21
C PRO A 70 15.15 -17.99 -34.76
N HIS A 71 15.16 -18.65 -35.92
CA HIS A 71 13.95 -19.11 -36.56
C HIS A 71 13.57 -20.54 -36.18
N THR A 72 14.06 -21.04 -35.04
CA THR A 72 13.73 -22.40 -34.65
C THR A 72 13.20 -22.52 -33.23
N LYS A 73 13.73 -21.76 -32.29
CA LYS A 73 13.36 -21.89 -30.88
C LYS A 73 13.23 -20.52 -30.24
N ALA A 74 12.21 -20.35 -29.40
CA ALA A 74 11.94 -19.07 -28.75
C ALA A 74 12.46 -19.04 -27.31
N VAL A 75 12.01 -19.98 -26.48
CA VAL A 75 12.43 -20.03 -25.08
C VAL A 75 13.65 -20.93 -24.97
N TYR A 76 14.74 -20.38 -24.46
CA TYR A 76 16.00 -21.10 -24.31
C TYR A 76 16.27 -21.35 -22.83
N GLN A 77 16.40 -22.62 -22.46
CA GLN A 77 16.77 -23.02 -21.11
C GLN A 77 18.26 -23.33 -21.07
N PRO A 78 18.98 -22.85 -20.05
CA PRO A 78 20.43 -23.00 -20.04
C PRO A 78 20.86 -24.45 -19.95
N ARG A 79 21.97 -24.75 -20.62
CA ARG A 79 22.53 -26.09 -20.67
C ARG A 79 23.90 -26.15 -20.00
N GLY A 80 24.20 -25.24 -19.10
CA GLY A 80 25.44 -25.30 -18.35
C GLY A 80 25.40 -24.49 -17.09
N ALA A 81 26.16 -24.80 -16.06
CA ALA A 81 26.21 -23.96 -14.87
C ALA A 81 27.51 -24.17 -14.18
N PHE A 82 28.29 -23.13 -13.98
CA PHE A 82 29.56 -23.29 -13.31
C PHE A 82 29.66 -22.49 -12.05
N GLY A 83 28.61 -22.12 -11.42
CA GLY A 83 28.84 -21.44 -10.17
C GLY A 83 27.77 -21.67 -9.15
N GLY A 84 26.97 -22.69 -9.37
CA GLY A 84 25.82 -22.88 -8.58
C GLY A 84 25.47 -24.21 -8.11
N SER A 85 24.26 -24.22 -7.63
CA SER A 85 23.63 -25.27 -6.94
C SER A 85 23.16 -26.44 -7.70
N GLU A 86 22.29 -27.17 -7.06
CA GLU A 86 21.91 -28.44 -7.51
C GLU A 86 21.41 -28.54 -8.87
N ASN A 87 20.53 -27.66 -9.27
CA ASN A 87 20.04 -27.72 -10.64
C ASN A 87 19.59 -26.36 -11.03
N ALA A 88 20.52 -25.48 -11.25
CA ALA A 88 20.17 -24.12 -11.50
C ALA A 88 19.70 -23.87 -12.86
N THR A 89 19.59 -24.89 -13.66
CA THR A 89 19.20 -24.72 -15.02
C THR A 89 17.71 -24.86 -15.23
N ASN A 90 16.89 -24.84 -14.20
CA ASN A 90 15.49 -24.89 -14.34
C ASN A 90 15.04 -23.64 -13.70
N LEU A 91 15.93 -22.89 -13.13
CA LEU A 91 15.56 -21.62 -12.53
C LEU A 91 15.78 -20.44 -13.47
N PHE A 92 16.19 -20.69 -14.71
CA PHE A 92 16.52 -19.64 -15.66
C PHE A 92 15.82 -19.89 -16.99
N LEU A 93 15.28 -18.82 -17.56
CA LEU A 93 14.63 -18.86 -18.87
C LEU A 93 15.16 -17.71 -19.71
N LEU A 94 15.58 -18.01 -20.92
CA LEU A 94 16.01 -16.99 -21.88
C LEU A 94 14.94 -16.94 -22.97
N GLU A 95 14.10 -15.91 -22.92
CA GLU A 95 12.97 -15.77 -23.83
C GLU A 95 13.29 -14.75 -24.92
N LEU A 96 12.82 -15.02 -26.13
CA LEU A 96 12.96 -14.11 -27.25
C LEU A 96 11.67 -13.35 -27.44
N LEU A 97 11.74 -12.02 -27.32
CA LEU A 97 10.63 -11.14 -27.63
C LEU A 97 10.72 -10.75 -29.10
N GLY A 98 9.86 -9.84 -29.53
CA GLY A 98 9.93 -9.35 -30.88
C GLY A 98 11.03 -8.32 -31.07
N ALA A 99 11.35 -8.07 -32.34
CA ALA A 99 12.26 -7.01 -32.75
C ALA A 99 13.63 -7.13 -32.06
N GLY A 100 14.16 -8.35 -32.08
CA GLY A 100 15.50 -8.60 -31.60
C GLY A 100 15.77 -8.22 -30.15
N GLU A 101 14.93 -8.69 -29.24
CA GLU A 101 15.10 -8.42 -27.81
C GLU A 101 14.94 -9.72 -27.04
N LEU A 102 15.81 -9.93 -26.05
CA LEU A 102 15.69 -11.08 -25.16
C LEU A 102 15.13 -10.64 -23.82
N ALA A 103 14.91 -11.63 -22.95
CA ALA A 103 14.39 -11.38 -21.61
C ALA A 103 14.88 -12.51 -20.73
N LEU A 104 15.90 -12.22 -19.91
CA LEU A 104 16.40 -13.20 -18.96
C LEU A 104 15.53 -13.20 -17.71
N THR A 105 14.92 -14.33 -17.40
CA THR A 105 14.03 -14.48 -16.26
C THR A 105 14.58 -15.52 -15.31
N MET A 106 14.60 -15.19 -14.02
CA MET A 106 15.08 -16.09 -12.98
C MET A 106 14.12 -16.06 -11.80
N ARG A 107 13.67 -17.24 -11.37
CA ARG A 107 12.77 -17.31 -10.22
C ARG A 107 13.54 -16.99 -8.95
N SER A 108 13.07 -15.98 -8.21
CA SER A 108 13.78 -15.46 -7.04
C SER A 108 13.26 -16.06 -5.74
N LYS A 109 12.54 -17.18 -5.80
CA LYS A 109 12.08 -17.88 -4.60
C LYS A 109 12.72 -19.26 -4.48
N LYS A 110 13.87 -19.46 -5.11
CA LYS A 110 14.66 -20.68 -4.97
C LYS A 110 16.11 -20.33 -5.27
N LEU A 111 17.01 -20.76 -4.40
CA LEU A 111 18.40 -20.30 -4.45
C LEU A 111 19.11 -20.89 -5.67
N PRO A 112 19.79 -20.07 -6.48
CA PRO A 112 20.49 -20.61 -7.65
C PRO A 112 21.90 -21.07 -7.36
N ILE A 113 22.50 -20.56 -6.29
CA ILE A 113 23.90 -20.83 -5.97
C ILE A 113 24.04 -21.13 -4.49
N ASN A 114 24.88 -22.10 -4.16
CA ASN A 114 25.27 -22.34 -2.77
C ASN A 114 26.61 -23.08 -2.78
N VAL A 115 27.71 -22.34 -2.57
CA VAL A 115 29.03 -22.95 -2.59
C VAL A 115 29.82 -22.63 -1.33
N THR A 116 29.53 -21.49 -0.71
CA THR A 116 30.30 -21.02 0.45
C THR A 116 29.66 -21.41 1.77
N THR A 117 28.44 -20.94 2.01
CA THR A 117 27.71 -21.23 3.24
C THR A 117 26.42 -21.97 2.91
N GLY A 118 25.83 -22.58 3.94
CA GLY A 118 24.64 -23.39 3.72
C GLY A 118 23.34 -22.78 4.21
N GLU A 119 23.38 -22.10 5.35
CA GLU A 119 22.18 -21.60 6.01
C GLU A 119 22.13 -20.07 6.04
N GLU A 120 22.54 -19.44 4.95
CA GLU A 120 22.48 -17.99 4.81
C GLU A 120 21.44 -17.62 3.78
N GLN A 121 20.46 -16.81 4.18
CA GLN A 121 19.40 -16.34 3.29
C GLN A 121 19.52 -14.85 2.99
N GLN A 122 20.74 -14.33 3.02
CA GLN A 122 21.02 -12.95 2.68
C GLN A 122 21.51 -12.79 1.25
N VAL A 123 21.19 -13.75 0.39
CA VAL A 123 21.61 -13.69 -1.01
C VAL A 123 20.89 -12.53 -1.70
N SER A 124 21.66 -11.54 -2.15
CA SER A 124 21.12 -10.36 -2.81
C SER A 124 21.79 -10.22 -4.17
N LEU A 125 20.99 -10.23 -5.22
CA LEU A 125 21.51 -10.07 -6.58
C LEU A 125 21.83 -8.60 -6.83
N GLU A 126 23.04 -8.33 -7.30
CA GLU A 126 23.52 -6.97 -7.50
C GLU A 126 23.70 -6.58 -8.96
N SER A 127 24.11 -7.51 -9.82
CA SER A 127 24.30 -7.20 -11.23
C SER A 127 24.25 -8.49 -12.03
N VAL A 128 23.72 -8.40 -13.25
CA VAL A 128 23.62 -9.51 -14.18
C VAL A 128 24.28 -9.10 -15.49
N ASP A 129 25.22 -9.92 -15.95
CA ASP A 129 25.99 -9.63 -17.16
C ASP A 129 25.68 -10.70 -18.20
N VAL A 130 25.40 -10.26 -19.44
CA VAL A 130 25.03 -11.16 -20.52
C VAL A 130 25.97 -10.93 -21.69
N TYR A 131 26.57 -12.01 -22.18
CA TYR A 131 27.45 -11.98 -23.35
C TYR A 131 26.68 -12.43 -24.58
N PHE A 132 27.07 -11.87 -25.74
CA PHE A 132 26.36 -12.14 -26.99
C PHE A 132 27.39 -12.25 -28.11
N GLN A 133 27.56 -13.46 -28.64
CA GLN A 133 28.51 -13.71 -29.72
C GLN A 133 27.85 -13.40 -31.07
N ASP A 134 28.49 -12.54 -31.84
CA ASP A 134 27.96 -12.11 -33.12
C ASP A 134 28.39 -13.07 -34.23
N VAL A 135 27.67 -12.99 -35.36
CA VAL A 135 28.04 -13.79 -36.52
C VAL A 135 29.36 -13.29 -37.10
N PHE A 136 29.63 -11.99 -37.01
CA PHE A 136 30.91 -11.44 -37.45
C PHE A 136 32.02 -11.68 -36.44
N GLY A 137 31.71 -12.20 -35.26
CA GLY A 137 32.68 -12.39 -34.21
C GLY A 137 32.70 -11.31 -33.14
N THR A 138 31.83 -10.30 -33.26
CA THR A 138 31.77 -9.26 -32.25
C THR A 138 31.25 -9.82 -30.94
N MET A 139 31.78 -9.32 -29.82
CA MET A 139 31.42 -9.78 -28.49
C MET A 139 30.58 -8.69 -27.82
N TRP A 140 29.29 -8.70 -28.10
CA TRP A 140 28.38 -7.74 -27.46
C TRP A 140 28.18 -8.11 -26.00
N CYS A 141 28.04 -7.10 -25.15
CA CYS A 141 27.86 -7.32 -23.72
C CYS A 141 26.78 -6.40 -23.19
N HIS A 142 26.19 -6.80 -22.07
CA HIS A 142 25.18 -6.02 -21.39
C HIS A 142 25.36 -6.18 -19.89
N HIS A 143 25.24 -5.07 -19.15
CA HIS A 143 25.49 -5.03 -17.71
C HIS A 143 24.28 -4.38 -17.03
N ALA A 144 23.33 -5.21 -16.60
CA ALA A 144 22.16 -4.73 -15.86
C ALA A 144 22.50 -4.71 -14.38
N GLU A 145 22.55 -3.53 -13.80
CA GLU A 145 22.93 -3.36 -12.40
C GLU A 145 21.70 -2.94 -11.58
N MET A 146 21.53 -3.59 -10.42
CA MET A 146 20.42 -3.27 -9.54
C MET A 146 20.64 -1.93 -8.85
N GLN A 147 19.61 -1.08 -8.88
CA GLN A 147 19.66 0.17 -8.12
C GLN A 147 19.72 -0.10 -6.63
N ASN A 148 18.71 -0.78 -6.10
CA ASN A 148 18.69 -1.25 -4.72
C ASN A 148 18.54 -2.76 -4.73
N PRO A 149 19.61 -3.51 -4.46
CA PRO A 149 19.52 -4.97 -4.56
C PRO A 149 18.60 -5.56 -3.50
N VAL A 150 17.64 -6.37 -3.95
CA VAL A 150 16.64 -6.97 -3.08
C VAL A 150 17.07 -8.40 -2.77
N TYR A 151 16.85 -8.82 -1.53
CA TYR A 151 17.23 -10.15 -1.09
C TYR A 151 16.25 -11.19 -1.64
N LEU A 152 16.59 -12.46 -1.42
CA LEU A 152 15.83 -13.58 -1.95
C LEU A 152 15.17 -14.34 -0.80
N ILE A 153 13.84 -14.34 -0.78
CA ILE A 153 13.06 -15.11 0.18
C ILE A 153 12.55 -16.36 -0.53
N PRO A 154 13.07 -17.55 -0.22
CA PRO A 154 12.72 -18.74 -1.01
C PRO A 154 11.56 -19.54 -0.44
N GLU A 155 10.71 -20.03 -1.35
CA GLU A 155 9.72 -21.06 -1.07
C GLU A 155 8.76 -20.65 0.06
N THR A 156 7.95 -19.64 -0.25
CA THR A 156 6.99 -19.08 0.70
C THR A 156 5.65 -19.82 0.71
N VAL A 157 5.63 -21.08 0.30
CA VAL A 157 4.42 -21.91 0.26
C VAL A 157 3.34 -21.18 -0.53
N PRO A 158 3.46 -21.08 -1.86
CA PRO A 158 2.57 -20.20 -2.62
C PRO A 158 1.27 -20.86 -3.08
N TYR A 159 1.21 -22.19 -3.09
CA TYR A 159 0.07 -22.91 -3.66
C TYR A 159 -1.11 -22.90 -2.67
N ILE A 160 -1.69 -21.71 -2.51
CA ILE A 160 -2.93 -21.52 -1.78
C ILE A 160 -3.95 -20.95 -2.76
N LYS A 161 -3.88 -21.42 -4.01
CA LYS A 161 -4.88 -21.10 -5.01
C LYS A 161 -6.28 -21.15 -4.43
N TRP A 162 -7.10 -20.16 -4.77
CA TRP A 162 -8.47 -20.13 -4.30
C TRP A 162 -9.37 -19.67 -5.43
N ASP A 163 -10.64 -20.04 -5.31
CA ASP A 163 -11.63 -19.84 -6.37
C ASP A 163 -12.90 -19.28 -5.75
N ASN A 164 -12.95 -17.96 -5.60
CA ASN A 164 -14.22 -17.25 -5.40
C ASN A 164 -14.11 -15.91 -6.12
N CYS A 165 -14.50 -15.93 -7.39
CA CYS A 165 -14.55 -14.77 -8.28
C CYS A 165 -15.31 -15.23 -9.51
N ASN A 166 -16.23 -14.41 -10.01
CA ASN A 166 -17.06 -14.83 -11.14
C ASN A 166 -16.17 -15.26 -12.31
N SER A 167 -16.36 -16.49 -12.77
CA SER A 167 -15.49 -17.09 -13.78
C SER A 167 -16.05 -16.83 -15.17
N THR A 168 -15.15 -16.58 -16.11
CA THR A 168 -15.50 -16.39 -17.50
C THR A 168 -14.85 -17.49 -18.35
N ASN A 169 -15.48 -17.80 -19.48
CA ASN A 169 -15.01 -18.89 -20.32
C ASN A 169 -13.81 -18.50 -21.17
N ILE A 170 -13.59 -17.20 -21.40
CA ILE A 170 -12.48 -16.78 -22.25
C ILE A 170 -11.15 -16.94 -21.49
N THR A 171 -10.08 -17.06 -22.26
CA THR A 171 -8.75 -17.28 -21.72
C THR A 171 -7.84 -16.10 -22.06
N ALA A 172 -6.81 -15.92 -21.24
CA ALA A 172 -5.82 -14.87 -21.43
C ALA A 172 -4.54 -15.50 -21.96
N VAL A 173 -3.96 -14.89 -23.00
CA VAL A 173 -2.76 -15.39 -23.64
C VAL A 173 -1.59 -14.48 -23.29
N VAL A 174 -0.42 -15.08 -23.15
CA VAL A 174 0.82 -14.38 -22.85
C VAL A 174 1.80 -14.71 -23.97
N ARG A 175 2.01 -13.76 -24.88
CA ARG A 175 2.91 -13.92 -26.01
C ARG A 175 4.09 -12.96 -25.84
N ALA A 176 5.30 -13.51 -25.85
CA ALA A 176 6.53 -12.74 -25.62
C ALA A 176 6.46 -11.98 -24.30
N GLN A 177 6.10 -12.71 -23.24
CA GLN A 177 5.88 -12.22 -21.88
C GLN A 177 4.75 -11.20 -21.78
N GLY A 178 4.08 -10.85 -22.88
CA GLY A 178 3.05 -9.84 -22.87
C GLY A 178 1.67 -10.46 -22.87
N LEU A 179 0.90 -10.18 -21.81
CA LEU A 179 -0.46 -10.65 -21.69
C LEU A 179 -1.41 -9.69 -22.37
N ASP A 180 -2.46 -10.22 -22.99
CA ASP A 180 -3.47 -9.39 -23.64
C ASP A 180 -4.81 -10.10 -23.47
N VAL A 181 -5.74 -9.49 -22.73
CA VAL A 181 -7.05 -10.05 -22.48
C VAL A 181 -8.09 -8.97 -22.72
N THR A 182 -9.25 -9.40 -23.21
CA THR A 182 -10.38 -8.51 -23.52
C THR A 182 -11.60 -9.02 -22.76
N LEU A 183 -11.92 -8.36 -21.66
CA LEU A 183 -13.00 -8.81 -20.77
C LEU A 183 -14.21 -7.90 -20.91
N PRO A 184 -15.33 -8.38 -21.43
CA PRO A 184 -16.57 -7.58 -21.42
C PRO A 184 -17.23 -7.65 -20.05
N LEU A 185 -17.64 -6.50 -19.54
CA LEU A 185 -18.28 -6.42 -18.24
C LEU A 185 -19.43 -5.43 -18.29
N SER A 186 -20.22 -5.40 -17.23
CA SER A 186 -21.37 -4.52 -17.13
C SER A 186 -21.27 -3.68 -15.86
N LEU A 187 -21.62 -2.41 -15.97
CA LEU A 187 -21.57 -1.49 -14.85
C LEU A 187 -22.90 -0.76 -14.73
N PRO A 188 -23.47 -0.64 -13.52
CA PRO A 188 -24.79 0.01 -13.39
C PRO A 188 -24.75 1.52 -13.56
N THR A 189 -23.60 2.15 -13.42
CA THR A 189 -23.51 3.59 -13.56
C THR A 189 -23.40 3.98 -15.03
N SER A 190 -23.55 5.28 -15.28
CA SER A 190 -23.39 5.83 -16.62
C SER A 190 -21.91 6.12 -16.87
N ALA A 191 -21.60 6.87 -17.92
CA ALA A 191 -20.22 7.21 -18.24
C ALA A 191 -19.75 8.48 -17.54
N GLN A 192 -20.64 9.46 -17.36
CA GLN A 192 -20.24 10.74 -16.78
C GLN A 192 -20.22 10.74 -15.26
N ASP A 193 -20.71 9.68 -14.62
CA ASP A 193 -20.71 9.57 -13.16
C ASP A 193 -19.79 8.48 -12.65
N SER A 194 -19.13 7.73 -13.53
CA SER A 194 -18.33 6.59 -13.12
C SER A 194 -16.90 7.01 -12.81
N ASN A 195 -16.39 6.56 -11.68
CA ASN A 195 -14.97 6.68 -11.32
C ASN A 195 -14.39 5.27 -11.35
N PHE A 196 -13.98 4.85 -12.55
CA PHE A 196 -13.57 3.47 -12.75
C PHE A 196 -12.18 3.21 -12.19
N SER A 197 -11.95 1.99 -11.73
CA SER A 197 -10.67 1.57 -11.21
C SER A 197 -10.56 0.05 -11.36
N VAL A 198 -9.38 -0.43 -11.72
CA VAL A 198 -9.17 -1.84 -12.01
C VAL A 198 -7.89 -2.31 -11.34
N LYS A 199 -7.86 -3.58 -10.95
CA LYS A 199 -6.68 -4.22 -10.40
C LYS A 199 -6.58 -5.62 -10.96
N THR A 200 -5.35 -6.06 -11.22
CA THR A 200 -5.08 -7.40 -11.73
C THR A 200 -4.13 -8.12 -10.77
N GLU A 201 -4.28 -9.45 -10.70
CA GLU A 201 -3.41 -10.25 -9.85
C GLU A 201 -3.32 -11.65 -10.44
N MET A 202 -2.10 -12.06 -10.79
CA MET A 202 -1.82 -13.37 -11.35
C MET A 202 -1.16 -14.26 -10.31
N LEU A 203 -1.75 -15.43 -10.06
CA LEU A 203 -1.23 -16.40 -9.13
C LEU A 203 -0.85 -17.68 -9.88
N GLY A 204 0.31 -18.23 -9.55
CA GLY A 204 0.76 -19.46 -10.20
C GLY A 204 1.47 -20.41 -9.26
N ASN A 205 2.55 -21.01 -9.73
CA ASN A 205 3.31 -21.94 -8.89
C ASN A 205 3.95 -21.22 -7.72
N GLU A 206 4.69 -20.14 -7.99
CA GLU A 206 5.32 -19.37 -6.91
C GLU A 206 5.26 -17.88 -7.15
N ILE A 207 4.58 -17.42 -8.20
CA ILE A 207 4.58 -16.02 -8.59
C ILE A 207 3.27 -15.37 -8.15
N ASP A 208 3.36 -14.10 -7.74
CA ASP A 208 2.20 -13.31 -7.32
C ASP A 208 2.42 -11.87 -7.80
N ILE A 209 1.89 -11.58 -8.98
CA ILE A 209 2.01 -10.25 -9.59
C ILE A 209 0.73 -9.48 -9.31
N GLU A 210 0.87 -8.16 -9.11
CA GLU A 210 -0.26 -7.28 -8.83
C GLU A 210 -0.16 -6.05 -9.72
N CYS A 211 -1.15 -5.85 -10.58
CA CYS A 211 -1.17 -4.74 -11.52
C CYS A 211 -2.29 -3.77 -11.13
N ILE A 212 -1.94 -2.50 -10.99
CA ILE A 212 -2.90 -1.43 -10.77
C ILE A 212 -2.58 -0.29 -11.73
N MET A 213 -3.54 0.61 -11.89
CA MET A 213 -3.38 1.76 -12.76
C MET A 213 -2.77 2.91 -11.96
N GLU A 214 -1.58 3.37 -12.40
CA GLU A 214 -0.89 4.44 -11.68
C GLU A 214 -1.69 5.74 -11.71
N ASP A 215 -2.52 5.93 -12.74
CA ASP A 215 -3.34 7.13 -12.85
C ASP A 215 -4.36 7.24 -11.71
N GLY A 216 -4.57 6.17 -10.94
CA GLY A 216 -5.59 6.19 -9.91
C GLY A 216 -6.94 5.83 -10.49
N GLU A 217 -8.00 6.40 -9.89
CA GLU A 217 -9.32 6.23 -10.44
C GLU A 217 -9.50 7.10 -11.68
N ILE A 218 -10.28 6.60 -12.63
CA ILE A 218 -10.55 7.37 -13.85
C ILE A 218 -11.33 8.62 -13.48
N SER A 219 -10.81 9.78 -13.88
CA SER A 219 -11.44 11.05 -13.54
C SER A 219 -12.86 11.13 -14.09
N GLN A 220 -13.01 11.07 -15.41
CA GLN A 220 -14.32 11.08 -16.04
C GLN A 220 -14.30 10.11 -17.21
N VAL A 221 -15.16 9.10 -17.15
CA VAL A 221 -15.20 8.06 -18.19
C VAL A 221 -15.85 8.65 -19.43
N LEU A 222 -15.03 9.06 -20.40
CA LEU A 222 -15.54 9.60 -21.64
C LEU A 222 -16.20 8.49 -22.46
N PRO A 223 -17.13 8.84 -23.34
CA PRO A 223 -17.80 7.79 -24.13
C PRO A 223 -16.87 7.17 -25.17
N GLY A 224 -16.43 5.94 -24.90
CA GLY A 224 -15.61 5.21 -25.84
C GLY A 224 -14.12 5.44 -25.74
N ASP A 225 -13.35 4.35 -25.63
CA ASP A 225 -11.89 4.36 -25.73
C ASP A 225 -11.27 5.25 -24.64
N ASN A 226 -11.46 4.83 -23.40
CA ASN A 226 -10.80 5.44 -22.25
C ASN A 226 -9.50 4.69 -21.99
N LYS A 227 -8.37 5.34 -22.21
CA LYS A 227 -7.05 4.74 -22.06
C LYS A 227 -6.46 5.10 -20.70
N PHE A 228 -5.59 4.23 -20.20
CA PHE A 228 -4.91 4.48 -18.94
C PHE A 228 -3.70 3.56 -18.81
N ASN A 229 -2.62 4.09 -18.26
CA ASN A 229 -1.45 3.28 -17.96
C ASN A 229 -1.66 2.50 -16.67
N ILE A 230 -1.11 1.29 -16.63
CA ILE A 230 -1.19 0.44 -15.44
C ILE A 230 0.22 0.00 -15.05
N THR A 231 0.47 -0.04 -13.75
CA THR A 231 1.76 -0.42 -13.20
C THR A 231 1.65 -1.79 -12.55
N CYS A 232 2.51 -2.72 -12.98
CA CYS A 232 2.54 -4.05 -12.41
C CYS A 232 3.73 -4.20 -11.47
N SER A 233 3.53 -5.02 -10.43
CA SER A 233 4.60 -5.28 -9.48
C SER A 233 5.70 -6.12 -10.13
N GLY A 234 6.95 -5.82 -9.77
CA GLY A 234 8.10 -6.55 -10.25
C GLY A 234 9.11 -5.62 -10.90
N TYR A 235 9.72 -6.11 -11.98
CA TYR A 235 10.77 -5.36 -12.67
C TYR A 235 10.17 -4.72 -13.92
N GLU A 236 10.51 -3.45 -14.14
CA GLU A 236 9.82 -2.64 -15.13
C GLU A 236 10.23 -3.06 -16.55
N SER A 237 9.73 -2.30 -17.52
CA SER A 237 9.96 -2.54 -18.94
C SER A 237 9.49 -1.34 -19.73
N HIS A 238 10.18 -1.05 -20.83
CA HIS A 238 9.73 0.01 -21.72
C HIS A 238 8.50 -0.45 -22.49
N VAL A 239 7.79 0.53 -23.07
CA VAL A 239 6.44 0.33 -23.60
C VAL A 239 5.61 -0.27 -22.47
N PRO A 240 5.26 0.50 -21.45
CA PRO A 240 4.74 -0.09 -20.21
C PRO A 240 3.37 -0.72 -20.40
N SER A 241 2.91 -1.37 -19.33
CA SER A 241 1.60 -1.99 -19.35
C SER A 241 0.52 -0.94 -19.53
N GLY A 242 -0.57 -1.33 -20.18
CA GLY A 242 -1.65 -0.41 -20.45
C GLY A 242 -3.00 -1.11 -20.42
N GLY A 243 -4.05 -0.29 -20.44
CA GLY A 243 -5.41 -0.79 -20.46
C GLY A 243 -6.32 0.22 -21.10
N ILE A 244 -7.40 -0.27 -21.71
CA ILE A 244 -8.35 0.58 -22.41
C ILE A 244 -9.76 0.11 -22.07
N LEU A 245 -10.56 1.00 -21.49
CA LEU A 245 -11.97 0.72 -21.17
C LEU A 245 -12.82 1.51 -22.16
N THR A 246 -13.23 0.84 -23.23
CA THR A 246 -14.09 1.45 -24.24
C THR A 246 -15.55 1.20 -23.87
N SER A 247 -16.31 2.27 -23.71
CA SER A 247 -17.70 2.19 -23.27
C SER A 247 -18.61 2.06 -24.50
N THR A 248 -19.29 0.93 -24.60
CA THR A 248 -20.29 0.72 -25.65
C THR A 248 -21.69 1.06 -25.12
N SER A 249 -21.83 2.29 -24.64
CA SER A 249 -23.08 2.73 -24.03
C SER A 249 -23.28 4.22 -24.24
N PRO A 250 -24.29 4.64 -25.02
CA PRO A 250 -24.60 6.06 -25.19
C PRO A 250 -25.48 6.59 -24.05
N VAL A 251 -24.91 6.62 -22.85
CA VAL A 251 -25.66 6.92 -21.63
C VAL A 251 -25.39 8.36 -21.22
N ALA A 252 -26.47 9.10 -20.97
CA ALA A 252 -26.38 10.45 -20.40
C ALA A 252 -27.07 10.56 -19.05
N THR A 253 -28.33 10.17 -18.96
CA THR A 253 -29.07 10.11 -17.69
C THR A 253 -29.50 8.68 -17.47
N PRO A 254 -28.78 7.90 -16.66
CA PRO A 254 -29.06 6.47 -16.57
C PRO A 254 -30.36 6.18 -15.84
N ILE A 255 -31.01 5.11 -16.26
CA ILE A 255 -32.22 4.61 -15.60
C ILE A 255 -31.82 3.51 -14.64
N PRO A 256 -32.42 3.42 -13.45
CA PRO A 256 -31.97 2.44 -12.47
C PRO A 256 -32.26 1.01 -12.90
N GLY A 257 -31.33 0.12 -12.59
CA GLY A 257 -31.43 -1.29 -12.89
C GLY A 257 -30.72 -1.71 -14.15
N THR A 258 -30.61 -0.82 -15.13
CA THR A 258 -29.99 -1.17 -16.41
C THR A 258 -28.48 -1.29 -16.24
N GLY A 259 -27.95 -2.46 -16.58
CA GLY A 259 -26.51 -2.66 -16.54
C GLY A 259 -25.88 -2.39 -17.90
N TYR A 260 -25.19 -1.26 -18.01
CA TYR A 260 -24.61 -0.86 -19.28
C TYR A 260 -23.30 -1.61 -19.53
N ALA A 261 -23.15 -2.09 -20.76
CA ALA A 261 -22.00 -2.93 -21.10
C ALA A 261 -20.76 -2.08 -21.37
N TYR A 262 -19.62 -2.55 -20.86
CA TYR A 262 -18.33 -1.92 -21.09
C TYR A 262 -17.35 -2.99 -21.58
N SER A 263 -16.31 -2.53 -22.27
CA SER A 263 -15.27 -3.41 -22.81
C SER A 263 -13.93 -2.99 -22.22
N LEU A 264 -13.38 -3.86 -21.38
CA LEU A 264 -12.10 -3.61 -20.72
C LEU A 264 -11.04 -4.53 -21.31
N ARG A 265 -10.00 -3.93 -21.88
CA ARG A 265 -8.89 -4.67 -22.46
C ARG A 265 -7.63 -4.35 -21.68
N LEU A 266 -6.98 -5.38 -21.14
CA LEU A 266 -5.81 -5.22 -20.28
C LEU A 266 -4.58 -5.81 -20.95
N THR A 267 -3.44 -5.16 -20.75
CA THR A 267 -2.16 -5.62 -21.29
C THR A 267 -1.05 -5.42 -20.24
N PRO A 268 -0.97 -6.31 -19.26
CA PRO A 268 0.15 -6.25 -18.31
C PRO A 268 1.44 -6.73 -18.96
N ARG A 269 2.47 -5.89 -18.92
CA ARG A 269 3.69 -6.14 -19.67
C ARG A 269 4.58 -7.21 -19.04
N PRO A 270 5.05 -7.06 -17.78
CA PRO A 270 6.04 -8.03 -17.28
C PRO A 270 5.45 -9.30 -16.69
N VAL A 271 4.98 -10.19 -17.57
CA VAL A 271 4.35 -11.44 -17.18
C VAL A 271 5.30 -12.58 -17.53
N SER A 272 5.92 -13.16 -16.51
CA SER A 272 6.87 -14.25 -16.71
C SER A 272 6.13 -15.55 -17.01
N ARG A 273 6.90 -16.54 -17.51
CA ARG A 273 6.34 -17.84 -17.85
C ARG A 273 6.23 -18.78 -16.66
N PHE A 274 6.83 -18.44 -15.52
CA PHE A 274 6.85 -19.36 -14.40
C PHE A 274 5.49 -19.49 -13.70
N LEU A 275 4.46 -18.79 -14.17
CA LEU A 275 3.12 -19.03 -13.66
C LEU A 275 2.62 -20.42 -14.03
N GLY A 276 3.14 -21.02 -15.08
CA GLY A 276 2.68 -22.31 -15.55
C GLY A 276 1.40 -22.20 -16.35
N ASN A 277 1.10 -23.27 -17.08
CA ASN A 277 -0.15 -23.33 -17.84
C ASN A 277 -1.34 -23.41 -16.89
N ASN A 278 -2.49 -22.96 -17.39
CA ASN A 278 -3.75 -22.95 -16.63
C ASN A 278 -3.61 -22.15 -15.33
N SER A 279 -2.77 -21.12 -15.35
CA SER A 279 -2.61 -20.25 -14.19
C SER A 279 -3.89 -19.43 -13.99
N ILE A 280 -3.93 -18.70 -12.88
CA ILE A 280 -5.11 -17.93 -12.49
C ILE A 280 -4.81 -16.46 -12.65
N LEU A 281 -5.74 -15.72 -13.24
CA LEU A 281 -5.64 -14.27 -13.40
C LEU A 281 -6.91 -13.63 -12.84
N TYR A 282 -6.78 -12.90 -11.75
CA TYR A 282 -7.91 -12.20 -11.15
C TYR A 282 -7.95 -10.76 -11.64
N VAL A 283 -9.16 -10.25 -11.82
CA VAL A 283 -9.38 -8.87 -12.24
C VAL A 283 -10.48 -8.26 -11.37
N PHE A 284 -10.13 -7.27 -10.58
CA PHE A 284 -11.08 -6.59 -9.70
C PHE A 284 -11.36 -5.21 -10.27
N TYR A 285 -12.56 -5.02 -10.80
CA TYR A 285 -12.98 -3.74 -11.34
C TYR A 285 -14.11 -3.18 -10.50
N SER A 286 -14.20 -1.85 -10.42
CA SER A 286 -15.19 -1.21 -9.58
C SER A 286 -15.34 0.26 -9.97
N GLY A 287 -16.58 0.67 -10.26
CA GLY A 287 -16.88 2.08 -10.38
C GLY A 287 -17.35 2.67 -9.07
N ASN A 288 -17.17 3.98 -8.90
CA ASN A 288 -17.48 4.59 -7.62
C ASN A 288 -17.91 6.04 -7.85
N GLY A 289 -17.90 6.82 -6.77
CA GLY A 289 -18.33 8.19 -6.78
C GLY A 289 -18.58 8.64 -5.36
N PRO A 290 -19.65 9.42 -5.13
CA PRO A 290 -20.08 9.72 -3.75
C PRO A 290 -20.76 8.53 -3.10
N LYS A 291 -20.00 7.44 -2.93
CA LYS A 291 -20.53 6.16 -2.48
C LYS A 291 -21.69 5.71 -3.37
N ALA A 292 -21.54 5.93 -4.67
CA ALA A 292 -22.59 5.66 -5.65
C ALA A 292 -22.53 4.20 -6.09
N SER A 293 -23.25 3.89 -7.17
CA SER A 293 -23.33 2.51 -7.65
C SER A 293 -22.01 2.10 -8.30
N GLY A 294 -22.00 0.87 -8.83
CA GLY A 294 -20.82 0.33 -9.46
C GLY A 294 -19.99 -0.51 -8.49
N GLY A 295 -20.67 -1.26 -7.64
CA GLY A 295 -20.02 -2.04 -6.59
C GLY A 295 -18.87 -2.91 -7.07
N ASP A 296 -17.97 -3.25 -6.15
CA ASP A 296 -16.79 -4.03 -6.51
C ASP A 296 -17.19 -5.41 -7.02
N TYR A 297 -16.67 -5.77 -8.19
CA TYR A 297 -16.88 -7.08 -8.78
C TYR A 297 -15.53 -7.76 -8.97
N CYS A 298 -15.56 -8.95 -9.56
CA CYS A 298 -14.33 -9.69 -9.82
C CYS A 298 -14.57 -10.68 -10.94
N ILE A 299 -13.60 -10.80 -11.84
CA ILE A 299 -13.64 -11.75 -12.94
C ILE A 299 -12.29 -12.45 -13.01
N GLN A 300 -12.31 -13.78 -13.01
CA GLN A 300 -11.10 -14.58 -13.11
C GLN A 300 -11.15 -15.44 -14.36
N SER A 301 -9.97 -15.77 -14.89
CA SER A 301 -9.86 -16.57 -16.10
C SER A 301 -8.49 -17.21 -16.15
N ASN A 302 -8.40 -18.35 -16.83
CA ASN A 302 -7.13 -19.03 -16.96
C ASN A 302 -6.21 -18.28 -17.92
N ILE A 303 -4.93 -18.27 -17.60
CA ILE A 303 -3.90 -17.61 -18.41
C ILE A 303 -2.92 -18.66 -18.91
N VAL A 304 -2.68 -18.66 -20.21
CA VAL A 304 -1.78 -19.61 -20.86
C VAL A 304 -0.68 -18.85 -21.59
N PHE A 305 0.42 -19.55 -21.85
CA PHE A 305 1.60 -18.96 -22.46
C PHE A 305 1.74 -19.45 -23.90
N SER A 306 1.90 -18.52 -24.82
CA SER A 306 2.15 -18.86 -26.23
C SER A 306 3.63 -19.19 -26.40
N ASP A 307 3.90 -20.37 -26.97
CA ASP A 307 5.28 -20.80 -27.17
C ASP A 307 5.92 -20.17 -28.39
N GLU A 308 5.13 -19.76 -29.38
CA GLU A 308 5.67 -19.16 -30.59
C GLU A 308 5.92 -17.66 -30.38
N ILE A 309 6.80 -17.12 -31.21
CA ILE A 309 7.17 -15.71 -31.15
C ILE A 309 6.12 -14.89 -31.89
N PRO A 310 5.46 -13.93 -31.24
CA PRO A 310 4.40 -13.17 -31.92
C PRO A 310 4.92 -12.01 -32.74
N ALA A 311 6.01 -12.22 -33.47
CA ALA A 311 6.64 -11.21 -34.30
C ALA A 311 7.78 -11.89 -35.07
N SER A 312 8.54 -11.10 -35.80
CA SER A 312 9.79 -11.55 -36.40
C SER A 312 10.95 -11.04 -35.55
N GLN A 313 11.88 -11.94 -35.21
CA GLN A 313 13.00 -11.56 -34.36
C GLN A 313 13.91 -10.52 -35.00
N ASP A 314 13.75 -10.26 -36.29
CA ASP A 314 14.56 -9.24 -36.96
C ASP A 314 14.37 -7.88 -36.30
N MET A 315 15.47 -7.17 -36.09
CA MET A 315 15.44 -5.87 -35.46
C MET A 315 14.86 -4.83 -36.41
N PRO A 316 14.48 -3.66 -35.89
CA PRO A 316 14.06 -2.55 -36.77
C PRO A 316 15.07 -2.31 -37.88
N THR A 317 14.58 -2.15 -39.10
CA THR A 317 15.43 -2.02 -40.27
C THR A 317 14.81 -1.03 -41.25
N ASN A 318 15.53 0.06 -41.53
CA ASN A 318 15.09 1.03 -42.52
C ASN A 318 15.42 0.51 -43.91
N THR A 319 14.38 0.25 -44.71
CA THR A 319 14.56 -0.25 -46.07
C THR A 319 14.69 0.93 -47.03
N THR A 320 15.71 0.87 -47.90
CA THR A 320 16.00 1.93 -48.84
C THR A 320 16.35 1.31 -50.20
N ASP A 321 15.79 1.89 -51.26
CA ASP A 321 16.04 1.42 -52.62
C ASP A 321 17.11 2.26 -53.29
N ILE A 322 17.91 1.61 -54.12
CA ILE A 322 18.97 2.25 -54.89
C ILE A 322 18.77 1.87 -56.35
N THR A 323 18.35 2.83 -57.17
CA THR A 323 18.12 2.59 -58.59
C THR A 323 19.38 3.00 -59.36
N TYR A 324 20.35 2.11 -59.36
CA TYR A 324 21.64 2.38 -59.97
C TYR A 324 21.58 2.14 -61.48
N VAL A 325 22.72 2.34 -62.14
CA VAL A 325 22.86 2.07 -63.57
C VAL A 325 24.27 1.58 -63.83
N GLY A 326 24.38 0.57 -64.69
CA GLY A 326 25.67 -0.05 -64.94
C GLY A 326 26.04 -1.04 -63.85
N ASP A 327 27.18 -0.81 -63.19
CA ASP A 327 27.58 -1.64 -62.06
C ASP A 327 28.07 -0.85 -60.85
N ASN A 328 28.49 0.41 -61.01
CA ASN A 328 28.97 1.21 -59.90
C ASN A 328 27.77 1.72 -59.10
N ALA A 329 27.34 0.93 -58.11
CA ALA A 329 26.27 1.32 -57.22
C ALA A 329 26.86 1.73 -55.87
N THR A 330 26.46 2.91 -55.39
CA THR A 330 27.01 3.46 -54.16
C THR A 330 25.89 3.80 -53.19
N TYR A 331 26.23 3.76 -51.90
CA TYR A 331 25.29 4.09 -50.83
C TYR A 331 26.07 4.54 -49.61
N SER A 332 25.57 5.57 -48.95
CA SER A 332 26.22 6.16 -47.79
C SER A 332 25.44 5.82 -46.52
N VAL A 333 26.15 5.36 -45.50
CA VAL A 333 25.55 5.02 -44.22
C VAL A 333 25.68 6.23 -43.30
N PRO A 334 24.58 6.81 -42.83
CA PRO A 334 24.68 7.99 -41.95
C PRO A 334 25.22 7.65 -40.57
N MET A 335 25.32 8.64 -39.69
CA MET A 335 25.77 8.39 -38.33
C MET A 335 24.74 7.62 -37.54
N VAL A 336 25.21 6.84 -36.57
CA VAL A 336 24.34 6.09 -35.67
C VAL A 336 23.82 7.07 -34.62
N THR A 337 22.80 6.65 -33.86
CA THR A 337 22.05 7.56 -32.99
C THR A 337 22.92 8.25 -31.95
N SER A 338 23.47 7.49 -31.02
CA SER A 338 24.18 8.08 -29.87
C SER A 338 25.69 8.03 -30.10
N GLU A 339 26.16 8.91 -30.97
CA GLU A 339 27.59 9.04 -31.21
C GLU A 339 27.88 10.39 -31.82
N ASP A 340 29.15 10.78 -31.77
CA ASP A 340 29.63 12.01 -32.38
C ASP A 340 31.03 11.71 -32.92
N ALA A 341 31.78 12.76 -33.25
CA ALA A 341 33.14 12.57 -33.74
C ALA A 341 34.04 11.93 -32.69
N ASN A 342 33.74 12.15 -31.40
CA ASN A 342 34.56 11.61 -30.31
C ASN A 342 34.03 10.22 -29.95
N SER A 343 34.50 9.22 -30.70
CA SER A 343 34.16 7.84 -30.45
C SER A 343 35.40 6.96 -30.59
N PRO A 344 35.79 6.24 -29.54
CA PRO A 344 37.02 5.44 -29.62
C PRO A 344 36.97 4.34 -30.67
N ASN A 345 35.87 3.58 -30.74
CA ASN A 345 35.75 2.49 -31.70
C ASN A 345 34.38 2.53 -32.33
N VAL A 346 34.35 2.50 -33.66
CA VAL A 346 33.12 2.45 -34.44
C VAL A 346 33.26 1.34 -35.47
N THR A 347 32.24 0.48 -35.57
CA THR A 347 32.28 -0.67 -36.45
C THR A 347 31.08 -0.65 -37.38
N VAL A 348 31.33 -0.89 -38.67
CA VAL A 348 30.29 -1.01 -39.69
C VAL A 348 30.49 -2.35 -40.39
N THR A 349 29.44 -3.16 -40.41
CA THR A 349 29.48 -4.48 -41.04
C THR A 349 28.37 -4.59 -42.08
N ALA A 350 28.59 -5.44 -43.07
CA ALA A 350 27.63 -5.64 -44.14
C ALA A 350 27.74 -7.06 -44.68
N PHE A 351 26.63 -7.56 -45.22
CA PHE A 351 26.59 -8.89 -45.82
C PHE A 351 25.41 -8.95 -46.77
N TRP A 352 25.52 -9.83 -47.77
CA TRP A 352 24.46 -9.96 -48.77
C TRP A 352 23.25 -10.66 -48.17
N ALA A 353 22.07 -10.27 -48.66
CA ALA A 353 20.82 -10.79 -48.11
C ALA A 353 20.72 -12.29 -48.34
N TRP A 354 20.07 -12.95 -47.38
CA TRP A 354 19.91 -14.41 -47.39
C TRP A 354 21.24 -15.14 -47.58
N PRO A 355 22.20 -14.96 -46.68
CA PRO A 355 23.49 -15.64 -46.83
C PRO A 355 23.36 -17.12 -46.53
N ASN A 356 23.98 -17.95 -47.37
CA ASN A 356 23.91 -19.39 -47.25
C ASN A 356 25.18 -20.01 -46.69
N ASN A 357 26.21 -19.21 -46.45
CA ASN A 357 27.48 -19.69 -45.91
C ASN A 357 27.95 -18.78 -44.80
N THR A 358 28.53 -19.37 -43.76
CA THR A 358 29.01 -18.61 -42.61
C THR A 358 30.42 -18.07 -42.82
N GLU A 359 31.35 -18.94 -43.21
CA GLU A 359 32.75 -18.56 -43.39
C GLU A 359 33.02 -17.96 -44.76
N THR A 360 32.00 -17.49 -45.47
CA THR A 360 32.19 -16.90 -46.79
C THR A 360 31.61 -15.50 -46.91
N ASP A 361 30.43 -15.25 -46.33
CA ASP A 361 29.73 -14.00 -46.55
C ASP A 361 29.98 -12.95 -45.48
N PHE A 362 30.41 -13.37 -44.29
CA PHE A 362 30.62 -12.45 -43.17
C PHE A 362 32.09 -12.07 -43.05
N LYS A 363 32.59 -11.40 -44.11
CA LYS A 363 33.96 -10.90 -44.15
C LYS A 363 34.03 -9.40 -44.28
N CYS A 364 32.91 -8.70 -44.37
CA CYS A 364 32.87 -7.26 -44.61
C CYS A 364 32.73 -6.55 -43.27
N LYS A 365 33.86 -6.30 -42.61
CA LYS A 365 33.91 -5.54 -41.38
C LYS A 365 34.83 -4.34 -41.57
N TRP A 366 34.46 -3.21 -40.97
CA TRP A 366 35.25 -1.99 -41.06
C TRP A 366 35.26 -1.27 -39.73
N THR A 367 36.45 -0.93 -39.25
CA THR A 367 36.63 -0.16 -38.03
C THR A 367 37.22 1.21 -38.38
N LEU A 368 37.47 2.02 -37.36
CA LEU A 368 38.08 3.32 -37.57
C LEU A 368 39.53 3.19 -38.04
N THR A 369 40.20 2.11 -37.65
CA THR A 369 41.61 1.88 -37.98
C THR A 369 41.77 0.68 -38.91
N SER A 370 40.83 0.52 -39.85
CA SER A 370 40.86 -0.59 -40.80
C SER A 370 40.20 -0.11 -42.09
N GLY A 371 39.78 -1.05 -42.93
CA GLY A 371 39.18 -0.71 -44.20
C GLY A 371 39.53 -1.68 -45.31
N THR A 372 40.45 -2.61 -45.04
CA THR A 372 40.79 -3.67 -45.98
C THR A 372 40.18 -4.97 -45.50
N PRO A 373 39.02 -5.38 -46.01
CA PRO A 373 38.41 -6.64 -45.57
C PRO A 373 39.24 -7.84 -46.02
N SER A 374 39.18 -8.90 -45.21
CA SER A 374 39.98 -10.09 -45.48
C SER A 374 39.56 -10.75 -46.79
N GLY A 375 38.30 -11.16 -46.88
CA GLY A 375 37.82 -11.86 -48.05
C GLY A 375 36.48 -11.40 -48.57
N CYS A 376 36.18 -10.12 -48.41
CA CYS A 376 34.93 -9.54 -48.92
C CYS A 376 35.23 -8.88 -50.26
N GLU A 377 34.67 -9.45 -51.33
CA GLU A 377 34.97 -9.04 -52.70
C GLU A 377 33.91 -8.08 -53.24
N ASN A 378 34.32 -7.33 -54.28
CA ASN A 378 33.46 -6.41 -55.02
C ASN A 378 32.62 -5.52 -54.11
N ILE A 379 33.14 -5.20 -52.92
CA ILE A 379 32.50 -4.28 -51.99
C ILE A 379 33.58 -3.39 -51.41
N SER A 380 33.60 -2.13 -51.81
CA SER A 380 34.59 -1.16 -51.35
C SER A 380 34.01 -0.33 -50.21
N GLY A 381 34.60 -0.45 -49.03
CA GLY A 381 34.16 0.30 -47.88
C GLY A 381 35.16 1.36 -47.46
N ALA A 382 34.76 2.64 -47.58
CA ALA A 382 35.63 3.76 -47.24
C ALA A 382 35.01 4.54 -46.09
N PHE A 383 35.80 4.75 -45.04
CA PHE A 383 35.37 5.53 -43.87
C PHE A 383 35.85 6.95 -44.10
N ALA A 384 35.05 7.73 -44.82
CA ALA A 384 35.44 9.09 -45.21
C ALA A 384 35.24 10.04 -44.04
N SER A 385 35.33 11.33 -44.32
CA SER A 385 35.16 12.36 -43.29
C SER A 385 33.67 12.48 -42.97
N ASN A 386 33.30 13.50 -42.20
CA ASN A 386 31.94 13.74 -41.73
C ASN A 386 31.44 12.62 -40.83
N ARG A 387 32.34 11.73 -40.39
CA ARG A 387 31.99 10.57 -39.56
C ARG A 387 30.89 9.74 -40.19
N THR A 388 30.86 9.68 -41.52
CA THR A 388 29.90 8.88 -42.26
C THR A 388 30.65 7.83 -43.07
N PHE A 389 29.98 6.70 -43.33
CA PHE A 389 30.57 5.60 -44.07
C PHE A 389 30.01 5.57 -45.49
N ASP A 390 30.81 5.04 -46.42
CA ASP A 390 30.47 5.01 -47.83
C ASP A 390 30.65 3.58 -48.35
N ILE A 391 29.54 2.91 -48.65
CA ILE A 391 29.55 1.60 -49.27
C ILE A 391 29.49 1.77 -50.78
N THR A 392 30.27 0.98 -51.50
CA THR A 392 30.27 0.99 -52.96
C THR A 392 30.35 -0.44 -53.46
N VAL A 393 29.32 -0.88 -54.17
CA VAL A 393 29.23 -2.24 -54.69
C VAL A 393 29.55 -2.21 -56.18
N SER A 394 30.43 -3.10 -56.61
CA SER A 394 30.80 -3.23 -58.01
C SER A 394 30.43 -4.61 -58.52
N GLY A 395 30.25 -4.72 -59.84
CA GLY A 395 29.92 -5.99 -60.46
C GLY A 395 28.48 -6.38 -60.29
N LEU A 396 27.56 -5.54 -60.79
CA LEU A 396 26.14 -5.84 -60.70
C LEU A 396 25.50 -5.75 -62.08
N GLY A 397 24.17 -5.86 -62.13
CA GLY A 397 23.44 -5.71 -63.37
C GLY A 397 22.32 -6.71 -63.55
N THR A 398 21.10 -6.22 -63.80
CA THR A 398 19.90 -7.04 -64.02
C THR A 398 19.66 -8.04 -62.90
N ALA A 399 20.26 -7.82 -61.73
CA ALA A 399 20.12 -8.73 -60.59
C ALA A 399 19.81 -7.90 -59.35
N PRO A 400 18.59 -7.94 -58.83
CA PRO A 400 18.26 -7.13 -57.65
C PRO A 400 18.89 -7.66 -56.37
N LYS A 401 20.20 -7.44 -56.22
CA LYS A 401 20.88 -7.84 -54.99
C LYS A 401 20.53 -6.90 -53.85
N THR A 402 20.51 -7.45 -52.63
CA THR A 402 20.17 -6.70 -51.43
C THR A 402 21.30 -6.82 -50.42
N LEU A 403 21.65 -5.71 -49.79
CA LEU A 403 22.74 -5.65 -48.82
C LEU A 403 22.18 -5.26 -47.46
N ILE A 404 22.69 -5.93 -46.42
CA ILE A 404 22.27 -5.68 -45.04
C ILE A 404 23.44 -5.03 -44.32
N ILE A 405 23.31 -3.74 -44.01
CA ILE A 405 24.37 -2.97 -43.38
C ILE A 405 24.01 -2.72 -41.92
N THR A 406 25.01 -2.76 -41.06
CA THR A 406 24.83 -2.59 -39.63
C THR A 406 25.97 -1.78 -39.05
N ARG A 407 25.65 -0.71 -38.34
CA ARG A 407 26.65 0.20 -37.76
C ARG A 407 26.46 0.31 -36.26
N THR A 408 27.56 0.43 -35.54
CA THR A 408 27.52 0.55 -34.08
C THR A 408 28.70 1.41 -33.60
N ALA A 409 28.51 2.03 -32.44
CA ALA A 409 29.58 2.78 -31.79
C ALA A 409 29.68 2.37 -30.32
N THR A 410 30.54 3.06 -29.55
CA THR A 410 30.78 2.67 -28.17
C THR A 410 29.54 2.79 -27.30
N ASN A 411 29.04 4.02 -27.11
CA ASN A 411 27.87 4.27 -26.28
C ASN A 411 26.61 4.45 -27.11
N ALA A 412 26.53 3.79 -28.26
CA ALA A 412 25.44 3.99 -29.21
C ALA A 412 24.56 2.75 -29.28
N THR A 413 23.38 2.93 -29.88
CA THR A 413 22.44 1.86 -30.12
C THR A 413 22.64 1.34 -31.54
N THR A 414 22.95 0.05 -31.65
CA THR A 414 23.26 -0.53 -32.96
C THR A 414 22.06 -0.49 -33.88
N THR A 415 22.25 0.06 -35.07
CA THR A 415 21.20 0.18 -36.08
C THR A 415 21.52 -0.67 -37.29
N THR A 416 20.52 -0.88 -38.14
CA THR A 416 20.66 -1.75 -39.30
C THR A 416 19.80 -1.23 -40.44
N HIS A 417 20.41 -1.07 -41.62
CA HIS A 417 19.71 -0.66 -42.82
C HIS A 417 19.63 -1.84 -43.79
N LYS A 418 18.62 -1.78 -44.66
CA LYS A 418 18.45 -2.74 -45.75
C LYS A 418 18.37 -1.97 -47.06
N VAL A 419 19.37 -2.14 -47.91
CA VAL A 419 19.45 -1.45 -49.19
C VAL A 419 19.20 -2.44 -50.30
N ILE A 420 18.23 -2.14 -51.16
CA ILE A 420 17.86 -2.98 -52.29
C ILE A 420 18.31 -2.29 -53.57
N PHE A 421 19.24 -2.91 -54.29
CA PHE A 421 19.79 -2.35 -55.51
C PHE A 421 19.04 -2.96 -56.70
N SER A 422 18.16 -2.16 -57.31
CA SER A 422 17.32 -2.60 -58.41
C SER A 422 17.75 -1.91 -59.71
N LYS A 423 17.05 -2.24 -60.79
CA LYS A 423 17.29 -1.67 -62.11
C LYS A 423 18.72 -1.92 -62.59
N GLN B 1 -21.48 0.71 2.06
CA GLN B 1 -21.74 -0.71 2.12
C GLN B 1 -20.64 -1.43 2.89
N VAL B 2 -19.47 -0.82 2.95
CA VAL B 2 -18.32 -1.43 3.60
C VAL B 2 -18.58 -1.54 5.10
N GLN B 3 -18.27 -2.70 5.67
CA GLN B 3 -18.48 -2.95 7.09
C GLN B 3 -17.29 -3.71 7.65
N LEU B 4 -16.70 -3.19 8.72
CA LEU B 4 -15.66 -3.88 9.47
C LEU B 4 -16.19 -4.09 10.88
N VAL B 5 -16.94 -5.16 11.09
CA VAL B 5 -17.54 -5.45 12.38
C VAL B 5 -16.53 -6.20 13.24
N GLN B 6 -15.74 -5.45 14.01
CA GLN B 6 -14.79 -6.06 14.91
C GLN B 6 -15.51 -6.72 16.08
N SER B 7 -14.87 -7.73 16.66
CA SER B 7 -15.49 -8.52 17.72
C SER B 7 -14.53 -8.69 18.88
N GLY B 8 -15.08 -8.64 20.08
CA GLY B 8 -14.33 -9.00 21.28
C GLY B 8 -13.96 -7.80 22.15
N ALA B 9 -14.03 -8.01 23.46
CA ALA B 9 -13.48 -7.09 24.45
C ALA B 9 -12.71 -7.97 25.44
N GLU B 10 -11.39 -8.05 25.26
CA GLU B 10 -10.59 -9.14 25.80
C GLU B 10 -9.70 -8.65 26.93
N LEU B 11 -9.88 -9.22 28.12
CA LEU B 11 -8.92 -9.12 29.22
C LEU B 11 -8.08 -10.40 29.18
N LYS B 12 -6.80 -10.27 28.84
CA LYS B 12 -5.97 -11.43 28.59
C LYS B 12 -4.84 -11.56 29.61
N THR B 13 -4.38 -12.80 29.77
CA THR B 13 -3.38 -13.16 30.74
C THR B 13 -2.01 -12.62 30.32
N PRO B 14 -1.03 -12.61 31.23
CA PRO B 14 0.34 -12.23 30.80
C PRO B 14 0.89 -13.10 29.69
N GLY B 15 0.67 -14.41 29.74
CA GLY B 15 0.99 -15.28 28.62
C GLY B 15 -0.09 -15.19 27.56
N ALA B 16 0.23 -14.58 26.42
CA ALA B 16 -0.80 -14.16 25.48
C ALA B 16 -1.47 -15.32 24.77
N SER B 17 -2.79 -15.22 24.64
CA SER B 17 -3.54 -16.05 23.70
C SER B 17 -4.82 -15.28 23.37
N VAL B 18 -4.82 -14.63 22.21
CA VAL B 18 -5.88 -13.74 21.86
C VAL B 18 -6.21 -13.81 20.41
N LYS B 19 -7.46 -13.55 20.05
CA LYS B 19 -7.88 -13.57 18.65
C LYS B 19 -9.02 -12.62 18.36
N VAL B 20 -8.97 -11.84 17.28
CA VAL B 20 -10.08 -10.97 16.94
C VAL B 20 -10.61 -11.26 15.57
N SER B 21 -11.89 -11.21 15.35
CA SER B 21 -12.55 -11.71 14.16
C SER B 21 -12.53 -10.71 13.00
N CYS B 22 -13.12 -9.52 13.21
CA CYS B 22 -13.23 -8.48 12.18
C CYS B 22 -13.97 -8.97 10.94
N LYS B 23 -15.26 -9.21 11.12
CA LYS B 23 -16.15 -9.46 9.99
C LYS B 23 -16.05 -8.33 8.97
N ALA B 24 -16.14 -8.66 7.70
CA ALA B 24 -16.10 -7.69 6.62
C ALA B 24 -17.21 -7.99 5.62
N SER B 25 -17.82 -6.93 5.08
CA SER B 25 -18.89 -7.10 4.11
C SER B 25 -19.05 -5.83 3.30
N GLY B 26 -19.77 -5.93 2.18
CA GLY B 26 -20.08 -4.79 1.36
C GLY B 26 -19.15 -4.56 0.19
N TYR B 27 -18.26 -5.48 -0.13
CA TYR B 27 -17.32 -5.33 -1.24
C TYR B 27 -16.70 -6.69 -1.53
N THR B 28 -15.83 -6.73 -2.53
CA THR B 28 -15.07 -7.93 -2.83
C THR B 28 -13.98 -8.09 -1.80
N PHE B 29 -14.22 -8.95 -0.81
CA PHE B 29 -13.27 -9.17 0.29
C PHE B 29 -11.91 -9.64 -0.21
N THR B 30 -11.84 -10.20 -1.42
CA THR B 30 -10.59 -10.73 -1.96
C THR B 30 -9.70 -9.65 -2.54
N GLY B 31 -10.27 -8.59 -3.13
CA GLY B 31 -9.49 -7.65 -3.89
C GLY B 31 -8.82 -6.53 -3.10
N TYR B 32 -9.27 -6.29 -1.87
CA TYR B 32 -8.77 -5.17 -1.08
C TYR B 32 -7.87 -5.67 0.05
N TYR B 33 -7.01 -4.77 0.52
CA TYR B 33 -6.07 -5.05 1.59
C TYR B 33 -6.62 -4.58 2.93
N ILE B 34 -6.45 -5.40 3.95
CA ILE B 34 -6.95 -5.13 5.29
C ILE B 34 -5.75 -4.99 6.23
N HIS B 35 -5.61 -3.82 6.84
CA HIS B 35 -4.53 -3.54 7.77
C HIS B 35 -5.05 -3.60 9.21
N TRP B 36 -4.10 -3.63 10.15
CA TRP B 36 -4.41 -3.61 11.58
C TRP B 36 -3.53 -2.57 12.25
N VAL B 37 -4.16 -1.54 12.80
CA VAL B 37 -3.45 -0.42 13.43
C VAL B 37 -3.79 -0.41 14.90
N ARG B 38 -2.77 -0.59 15.74
CA ARG B 38 -2.95 -0.59 17.18
C ARG B 38 -2.74 0.80 17.75
N GLN B 39 -3.47 1.11 18.82
CA GLN B 39 -3.38 2.40 19.48
C GLN B 39 -3.38 2.17 20.99
N ALA B 40 -2.22 2.35 21.61
CA ALA B 40 -2.14 2.25 23.05
C ALA B 40 -2.39 3.62 23.69
N PRO B 41 -2.84 3.65 24.93
CA PRO B 41 -2.99 4.94 25.63
C PRO B 41 -1.64 5.57 25.92
N GLY B 42 -0.88 5.85 24.86
CA GLY B 42 0.44 6.44 24.98
C GLY B 42 0.69 7.50 23.93
N GLU B 43 -0.38 8.11 23.43
CA GLU B 43 -0.32 9.20 22.45
C GLU B 43 0.39 8.74 21.16
N GLY B 44 -0.25 7.79 20.49
CA GLY B 44 0.29 7.35 19.21
C GLY B 44 -0.45 6.20 18.54
N LEU B 45 -0.50 6.24 17.21
CA LEU B 45 -0.97 5.14 16.39
C LEU B 45 0.23 4.42 15.79
N GLU B 46 0.20 3.09 15.83
CA GLU B 46 1.27 2.29 15.25
C GLU B 46 0.68 1.16 14.43
N TRP B 47 1.22 0.94 13.23
CA TRP B 47 0.73 -0.08 12.33
C TRP B 47 1.37 -1.43 12.66
N THR B 48 0.53 -2.46 12.76
CA THR B 48 1.01 -3.80 13.08
C THR B 48 1.34 -4.60 11.83
N GLY B 49 0.35 -4.80 10.96
CA GLY B 49 0.57 -5.59 9.76
C GLY B 49 -0.65 -5.58 8.87
N TRP B 50 -0.49 -6.15 7.68
CA TRP B 50 -1.58 -6.29 6.73
C TRP B 50 -1.55 -7.68 6.12
N ILE B 51 -2.62 -8.02 5.40
CA ILE B 51 -2.76 -9.33 4.78
C ILE B 51 -3.55 -9.17 3.49
N ASN B 52 -3.14 -9.92 2.46
CA ASN B 52 -3.87 -9.95 1.19
C ASN B 52 -4.82 -11.13 1.21
N PRO B 53 -6.14 -10.91 1.22
CA PRO B 53 -7.08 -12.04 1.26
C PRO B 53 -7.13 -12.87 -0.01
N ASN B 54 -6.33 -12.55 -1.02
CA ASN B 54 -6.32 -13.31 -2.26
C ASN B 54 -5.22 -14.37 -2.29
N SER B 55 -4.00 -14.01 -1.88
CA SER B 55 -2.87 -14.92 -1.90
C SER B 55 -2.38 -15.28 -0.50
N GLY B 56 -2.98 -14.74 0.54
CA GLY B 56 -2.50 -14.98 1.88
C GLY B 56 -1.19 -14.28 2.21
N ALA B 57 -0.82 -13.27 1.42
CA ALA B 57 0.42 -12.54 1.65
C ALA B 57 0.29 -11.66 2.87
N THR B 58 1.00 -12.00 3.94
CA THR B 58 0.96 -11.26 5.19
C THR B 58 2.31 -10.60 5.44
N ARG B 59 2.27 -9.39 6.00
CA ARG B 59 3.47 -8.66 6.38
C ARG B 59 3.22 -7.98 7.71
N TYR B 60 4.26 -7.93 8.55
CA TYR B 60 4.12 -7.43 9.91
C TYR B 60 5.17 -6.38 10.19
N GLY B 61 4.93 -5.59 11.24
CA GLY B 61 5.88 -4.56 11.62
C GLY B 61 7.16 -5.15 12.19
N GLN B 62 8.25 -4.42 11.99
CA GLN B 62 9.56 -4.88 12.43
C GLN B 62 9.78 -4.65 13.93
N LYS B 63 9.04 -3.72 14.53
CA LYS B 63 9.14 -3.51 15.97
C LYS B 63 8.70 -4.75 16.75
N PHE B 64 7.72 -5.49 16.22
CA PHE B 64 7.14 -6.63 16.93
C PHE B 64 8.08 -7.82 16.99
N GLN B 65 9.06 -7.91 16.09
CA GLN B 65 10.02 -9.01 16.07
C GLN B 65 9.32 -10.37 15.95
N GLY B 66 8.28 -10.42 15.10
CA GLY B 66 7.67 -11.68 14.72
C GLY B 66 6.57 -12.19 15.62
N ARG B 67 6.04 -11.34 16.49
CA ARG B 67 5.01 -11.76 17.44
C ARG B 67 3.58 -11.88 16.92
N VAL B 68 3.26 -11.18 15.83
CA VAL B 68 1.92 -11.22 15.27
C VAL B 68 1.77 -12.40 14.32
N THR B 69 0.55 -12.93 14.25
CA THR B 69 0.16 -13.92 13.24
C THR B 69 -1.18 -13.47 12.67
N LEU B 70 -1.18 -13.05 11.41
CA LEU B 70 -2.36 -12.56 10.72
C LEU B 70 -2.77 -13.56 9.66
N THR B 71 -3.97 -14.12 9.81
CA THR B 71 -4.52 -15.08 8.87
C THR B 71 -5.91 -14.61 8.44
N SER B 72 -6.47 -15.30 7.45
CA SER B 72 -7.79 -14.95 6.95
C SER B 72 -8.37 -16.15 6.20
N ASP B 73 -9.67 -16.35 6.36
CA ASP B 73 -10.44 -17.32 5.58
C ASP B 73 -11.36 -16.56 4.65
N THR B 74 -11.57 -17.14 3.46
CA THR B 74 -12.37 -16.47 2.43
C THR B 74 -13.78 -17.00 2.32
N SER B 75 -14.08 -18.16 2.89
CA SER B 75 -15.46 -18.63 2.92
C SER B 75 -16.34 -17.69 3.73
N SER B 76 -15.85 -17.26 4.89
CA SER B 76 -16.47 -16.19 5.67
C SER B 76 -15.52 -15.00 5.65
N SER B 77 -16.02 -13.84 5.24
CA SER B 77 -15.18 -12.68 4.99
C SER B 77 -14.69 -12.11 6.32
N THR B 78 -13.68 -12.78 6.87
CA THR B 78 -13.10 -12.39 8.16
C THR B 78 -11.59 -12.50 8.07
N VAL B 79 -10.91 -11.76 8.94
CA VAL B 79 -9.45 -11.74 9.04
C VAL B 79 -9.09 -11.88 10.50
N TYR B 80 -8.55 -13.04 10.88
CA TYR B 80 -8.21 -13.31 12.27
C TYR B 80 -6.80 -12.82 12.58
N MET B 81 -6.65 -12.20 13.75
CA MET B 81 -5.36 -11.70 14.21
C MET B 81 -4.98 -12.37 15.52
N GLU B 82 -3.71 -12.75 15.63
CA GLU B 82 -3.14 -13.31 16.85
C GLU B 82 -1.85 -12.58 17.17
N VAL B 83 -1.71 -12.14 18.42
CA VAL B 83 -0.52 -11.41 18.86
C VAL B 83 0.08 -12.18 20.03
N SER B 84 -0.09 -13.50 20.02
CA SER B 84 0.25 -14.35 21.16
C SER B 84 1.76 -14.43 21.33
N ASN B 85 2.27 -13.81 22.39
CA ASN B 85 3.66 -13.91 22.80
C ASN B 85 3.73 -13.67 24.30
N LEU B 86 4.91 -13.35 24.80
CA LEU B 86 5.07 -12.82 26.16
C LEU B 86 4.73 -11.34 26.10
N THR B 87 3.43 -11.03 26.24
CA THR B 87 2.95 -9.66 26.06
C THR B 87 3.25 -8.83 27.31
N SER B 88 4.17 -7.88 27.19
CA SER B 88 4.46 -6.97 28.29
C SER B 88 3.66 -5.67 28.15
N ASP B 89 3.91 -4.93 27.06
CA ASP B 89 3.31 -3.62 26.86
C ASP B 89 2.33 -3.62 25.70
N ASP B 90 1.64 -4.74 25.48
CA ASP B 90 0.75 -4.92 24.35
C ASP B 90 -0.71 -4.72 24.70
N SER B 91 -1.00 -3.83 25.64
CA SER B 91 -2.37 -3.47 25.96
C SER B 91 -2.72 -2.25 25.12
N ALA B 92 -3.37 -2.49 23.99
CA ALA B 92 -3.71 -1.41 23.06
C ALA B 92 -5.04 -1.75 22.39
N VAL B 93 -5.58 -0.76 21.70
CA VAL B 93 -6.82 -0.93 20.94
C VAL B 93 -6.43 -1.28 19.51
N TYR B 94 -6.83 -2.47 19.07
CA TYR B 94 -6.44 -2.99 17.75
C TYR B 94 -7.55 -2.69 16.76
N TYR B 95 -7.26 -1.85 15.78
CA TYR B 95 -8.22 -1.44 14.77
C TYR B 95 -8.06 -2.28 13.52
N CYS B 96 -9.20 -2.60 12.90
CA CYS B 96 -9.23 -3.39 11.67
C CYS B 96 -9.69 -2.46 10.54
N ALA B 97 -8.81 -2.18 9.59
CA ALA B 97 -9.07 -1.21 8.54
C ALA B 97 -8.96 -1.85 7.16
N ARG B 98 -9.52 -1.18 6.17
CA ARG B 98 -9.44 -1.58 4.78
C ARG B 98 -8.96 -0.39 3.96
N GLU B 99 -8.10 -0.65 2.98
CA GLU B 99 -7.54 0.41 2.16
C GLU B 99 -8.64 1.15 1.40
N LEU B 100 -8.32 2.37 0.97
CA LEU B 100 -9.30 3.18 0.26
C LEU B 100 -9.63 2.57 -1.10
N SER B 101 -8.62 2.06 -1.80
CA SER B 101 -8.82 1.41 -3.10
C SER B 101 -7.75 0.35 -3.26
N TYR B 102 -7.57 -0.14 -4.48
CA TYR B 102 -6.58 -1.16 -4.73
C TYR B 102 -5.17 -0.59 -4.63
N SER B 103 -4.22 -1.45 -4.24
CA SER B 103 -2.82 -1.04 -4.13
C SER B 103 -1.93 -2.25 -4.33
N ILE B 104 -0.69 -1.99 -4.73
CA ILE B 104 0.28 -3.04 -5.02
C ILE B 104 0.92 -3.48 -3.71
N ARG B 105 0.51 -4.63 -3.20
CA ARG B 105 1.11 -5.27 -2.02
C ARG B 105 1.11 -4.34 -0.81
N GLY B 106 -0.09 -3.91 -0.43
CA GLY B 106 -0.30 -3.21 0.83
C GLY B 106 0.26 -1.80 0.91
N THR B 107 -0.03 -0.96 -0.09
CA THR B 107 0.37 0.45 -0.05
C THR B 107 -0.80 1.37 -0.33
N GLY B 108 -2.00 0.98 0.07
CA GLY B 108 -3.13 1.86 -0.02
C GLY B 108 -3.38 2.55 1.30
N PRO B 109 -3.90 3.77 1.26
CA PRO B 109 -4.30 4.44 2.49
C PRO B 109 -5.57 3.83 3.04
N LEU B 110 -5.66 3.80 4.36
CA LEU B 110 -6.79 3.18 5.03
C LEU B 110 -7.98 4.14 5.00
N GLY B 111 -9.01 3.77 4.26
CA GLY B 111 -10.18 4.63 4.13
C GLY B 111 -11.33 4.19 4.99
N TYR B 112 -11.42 2.88 5.22
CA TYR B 112 -12.52 2.28 5.98
C TYR B 112 -11.95 1.67 7.25
N TRP B 113 -12.43 2.15 8.40
CA TRP B 113 -11.92 1.76 9.71
C TRP B 113 -13.00 1.01 10.49
N GLY B 114 -12.55 0.08 11.33
CA GLY B 114 -13.46 -0.68 12.17
C GLY B 114 -13.79 0.02 13.46
N LEU B 115 -14.69 -0.60 14.22
CA LEU B 115 -15.05 -0.08 15.53
C LEU B 115 -13.86 -0.08 16.49
N GLY B 116 -12.96 -1.05 16.34
CA GLY B 116 -11.82 -1.14 17.22
C GLY B 116 -12.05 -2.15 18.34
N THR B 117 -11.02 -2.91 18.68
CA THR B 117 -11.09 -3.92 19.73
C THR B 117 -10.05 -3.59 20.79
N LEU B 118 -10.50 -3.39 22.03
CA LEU B 118 -9.62 -3.04 23.13
C LEU B 118 -9.24 -4.32 23.86
N VAL B 119 -7.97 -4.70 23.77
CA VAL B 119 -7.41 -5.79 24.57
C VAL B 119 -6.60 -5.18 25.69
N THR B 120 -6.60 -5.86 26.84
CA THR B 120 -5.90 -5.37 28.02
C THR B 120 -5.19 -6.55 28.68
N VAL B 121 -3.87 -6.46 28.76
CA VAL B 121 -3.05 -7.51 29.37
C VAL B 121 -2.84 -7.15 30.84
N SER B 122 -3.24 -8.05 31.73
CA SER B 122 -3.06 -7.85 33.16
C SER B 122 -3.14 -9.19 33.86
N SER B 123 -2.44 -9.29 34.98
CA SER B 123 -2.45 -10.48 35.83
C SER B 123 -3.55 -10.43 36.88
N ALA B 124 -4.30 -9.33 36.97
CA ALA B 124 -5.37 -9.22 37.94
C ALA B 124 -6.62 -9.96 37.45
N SER B 125 -7.49 -10.30 38.40
CA SER B 125 -8.70 -11.04 38.10
C SER B 125 -9.73 -10.13 37.44
N THR B 126 -10.79 -10.75 36.92
CA THR B 126 -11.89 -10.03 36.29
C THR B 126 -12.90 -9.66 37.37
N LYS B 127 -13.07 -8.36 37.61
CA LYS B 127 -13.93 -7.85 38.66
C LYS B 127 -15.23 -7.34 38.05
N GLY B 128 -16.36 -7.77 38.62
CA GLY B 128 -17.65 -7.33 38.15
C GLY B 128 -17.98 -5.92 38.63
N PRO B 129 -18.63 -5.14 37.78
CA PRO B 129 -18.95 -3.76 38.14
C PRO B 129 -20.11 -3.67 39.12
N SER B 130 -20.15 -2.55 39.84
CA SER B 130 -21.22 -2.26 40.79
C SER B 130 -21.87 -0.94 40.40
N VAL B 131 -23.19 -0.94 40.28
CA VAL B 131 -23.96 0.20 39.83
C VAL B 131 -24.84 0.71 40.96
N PHE B 132 -24.87 2.03 41.15
CA PHE B 132 -25.69 2.69 42.16
C PHE B 132 -26.26 3.96 41.57
N PRO B 133 -27.51 4.30 41.89
CA PRO B 133 -28.14 5.46 41.28
C PRO B 133 -27.78 6.76 41.98
N LEU B 134 -27.75 7.83 41.19
CA LEU B 134 -27.56 9.19 41.68
C LEU B 134 -28.91 9.90 41.59
N ALA B 135 -29.67 9.86 42.68
CA ALA B 135 -31.00 10.44 42.68
C ALA B 135 -30.91 11.96 42.54
N PRO B 136 -31.86 12.58 41.84
CA PRO B 136 -31.82 14.04 41.68
C PRO B 136 -32.22 14.78 42.95
N SER B 137 -32.30 16.11 42.86
CA SER B 137 -32.64 16.93 44.02
C SER B 137 -34.06 16.68 44.51
N THR B 145 -30.27 22.55 39.67
CA THR B 145 -31.07 21.46 40.22
C THR B 145 -31.90 20.77 39.14
N ALA B 146 -31.25 20.44 38.02
CA ALA B 146 -31.94 19.87 36.87
C ALA B 146 -31.11 18.74 36.24
N ALA B 147 -30.59 17.84 37.08
CA ALA B 147 -29.78 16.73 36.57
C ALA B 147 -29.82 15.55 37.54
N LEU B 148 -29.67 14.36 36.99
CA LEU B 148 -29.60 13.12 37.75
C LEU B 148 -28.62 12.17 37.08
N GLY B 149 -28.07 11.23 37.85
CA GLY B 149 -27.00 10.41 37.33
C GLY B 149 -27.01 8.94 37.71
N CYS B 150 -25.87 8.28 37.49
CA CYS B 150 -25.74 6.85 37.68
C CYS B 150 -24.26 6.51 37.78
N LEU B 151 -23.86 5.85 38.87
CA LEU B 151 -22.46 5.57 39.15
C LEU B 151 -22.15 4.09 38.95
N VAL B 152 -21.01 3.81 38.35
CA VAL B 152 -20.52 2.45 38.13
C VAL B 152 -19.07 2.41 38.58
N LYS B 153 -18.80 1.71 39.69
CA LYS B 153 -17.47 1.65 40.27
C LYS B 153 -17.05 0.19 40.46
N ASP B 154 -15.81 0.02 40.90
CA ASP B 154 -15.15 -1.20 41.36
C ASP B 154 -14.83 -2.18 40.22
N TYR B 155 -15.21 -1.89 38.99
CA TYR B 155 -14.92 -2.79 37.87
C TYR B 155 -13.44 -2.68 37.47
N PHE B 156 -12.79 -3.83 37.31
CA PHE B 156 -11.43 -3.84 36.77
C PHE B 156 -11.37 -3.81 35.25
N PRO B 157 -12.14 -4.65 34.52
CA PRO B 157 -12.04 -4.62 33.05
C PRO B 157 -12.41 -3.27 32.49
N GLU B 158 -11.44 -2.64 31.81
CA GLU B 158 -11.64 -1.29 31.30
C GLU B 158 -12.83 -1.16 30.34
N PRO B 159 -13.06 -2.06 29.37
CA PRO B 159 -14.21 -1.86 28.47
C PRO B 159 -15.53 -1.92 29.21
N VAL B 160 -16.20 -0.77 29.32
CA VAL B 160 -17.49 -0.66 30.01
C VAL B 160 -18.30 0.42 29.31
N THR B 161 -19.54 0.08 28.96
CA THR B 161 -20.47 1.02 28.35
C THR B 161 -21.63 1.29 29.31
N VAL B 162 -22.36 2.36 29.02
CA VAL B 162 -23.50 2.77 29.83
C VAL B 162 -24.56 3.35 28.91
N SER B 163 -25.75 2.75 28.89
CA SER B 163 -26.88 3.23 28.11
C SER B 163 -27.91 3.85 29.03
N TRP B 164 -28.61 4.86 28.52
CA TRP B 164 -29.60 5.60 29.29
C TRP B 164 -30.96 5.50 28.61
N ASN B 165 -31.96 5.07 29.38
CA ASN B 165 -33.35 4.98 28.93
C ASN B 165 -33.50 4.11 27.69
N SER B 166 -32.59 3.15 27.52
CA SER B 166 -32.59 2.21 26.41
C SER B 166 -32.59 2.94 25.06
N GLY B 167 -31.54 3.73 24.84
CA GLY B 167 -31.31 4.43 23.60
C GLY B 167 -31.66 5.90 23.62
N ALA B 168 -32.56 6.30 24.51
CA ALA B 168 -33.00 7.69 24.57
C ALA B 168 -31.95 8.53 25.30
N LEU B 169 -32.29 9.80 25.57
CA LEU B 169 -31.41 10.73 26.28
C LEU B 169 -30.08 10.89 25.55
N THR B 170 -30.16 11.44 24.34
CA THR B 170 -29.00 11.63 23.50
C THR B 170 -28.32 12.97 23.71
N SER B 171 -29.11 14.05 23.82
CA SER B 171 -28.58 15.40 23.91
C SER B 171 -28.33 15.85 25.35
N GLY B 172 -28.30 14.92 26.31
CA GLY B 172 -28.04 15.29 27.68
C GLY B 172 -27.10 14.35 28.42
N VAL B 173 -26.71 13.26 27.76
CA VAL B 173 -25.89 12.24 28.42
C VAL B 173 -24.46 12.76 28.58
N HIS B 174 -23.83 12.37 29.70
CA HIS B 174 -22.45 12.77 30.00
C HIS B 174 -21.78 11.60 30.72
N THR B 175 -20.96 10.86 29.98
CA THR B 175 -20.22 9.73 30.54
C THR B 175 -18.76 10.14 30.73
N PHE B 176 -18.30 10.08 31.99
CA PHE B 176 -16.97 10.50 32.39
C PHE B 176 -15.95 9.39 32.19
N PRO B 177 -14.69 9.74 31.96
CA PRO B 177 -13.64 8.72 31.87
C PRO B 177 -13.45 8.00 33.19
N ALA B 178 -12.77 6.85 33.11
CA ALA B 178 -12.51 6.04 34.30
C ALA B 178 -11.30 6.56 35.05
N VAL B 179 -11.31 6.38 36.37
CA VAL B 179 -10.23 6.78 37.24
C VAL B 179 -9.68 5.54 37.93
N LEU B 180 -8.37 5.34 37.83
CA LEU B 180 -7.71 4.19 38.44
C LEU B 180 -7.54 4.45 39.94
N GLN B 181 -8.28 3.71 40.76
CA GLN B 181 -8.17 3.85 42.21
C GLN B 181 -6.86 3.23 42.71
N SER B 182 -6.51 3.56 43.95
CA SER B 182 -5.32 2.99 44.57
C SER B 182 -5.48 1.50 44.86
N SER B 183 -6.67 0.95 44.71
CA SER B 183 -6.91 -0.48 44.87
C SER B 183 -6.67 -1.27 43.59
N GLY B 184 -6.30 -0.60 42.51
CA GLY B 184 -6.04 -1.28 41.25
C GLY B 184 -7.25 -1.49 40.37
N LEU B 185 -8.32 -0.73 40.58
CA LEU B 185 -9.55 -0.86 39.82
C LEU B 185 -9.96 0.51 39.29
N TYR B 186 -11.02 0.53 38.49
CA TYR B 186 -11.52 1.74 37.85
C TYR B 186 -12.93 2.05 38.33
N SER B 187 -13.40 3.25 37.95
CA SER B 187 -14.73 3.70 38.32
C SER B 187 -15.07 4.93 37.48
N LEU B 188 -16.29 4.95 36.95
CA LEU B 188 -16.79 6.10 36.19
C LEU B 188 -18.23 6.36 36.57
N SER B 189 -18.75 7.50 36.11
CA SER B 189 -20.13 7.88 36.37
C SER B 189 -20.71 8.51 35.11
N SER B 190 -21.97 8.17 34.83
CA SER B 190 -22.73 8.82 33.77
C SER B 190 -23.83 9.66 34.40
N VAL B 191 -24.23 10.72 33.70
CA VAL B 191 -25.21 11.66 34.23
C VAL B 191 -25.93 12.33 33.06
N VAL B 192 -27.25 12.44 33.18
CA VAL B 192 -28.09 13.07 32.18
C VAL B 192 -28.77 14.27 32.80
N THR B 193 -28.79 15.38 32.08
CA THR B 193 -29.53 16.56 32.52
C THR B 193 -31.00 16.43 32.13
N VAL B 194 -31.88 16.84 33.04
CA VAL B 194 -33.33 16.69 32.85
C VAL B 194 -33.98 18.07 32.97
N PRO B 195 -35.15 18.28 32.36
CA PRO B 195 -35.79 19.59 32.45
C PRO B 195 -36.29 19.97 33.84
N SER B 196 -36.13 19.10 34.84
CA SER B 196 -36.53 19.34 36.22
C SER B 196 -38.03 19.57 36.38
N SER B 197 -38.82 19.36 35.32
CA SER B 197 -40.26 19.50 35.38
C SER B 197 -41.00 18.23 35.01
N SER B 198 -40.43 17.39 34.14
CA SER B 198 -41.02 16.11 33.77
C SER B 198 -40.43 14.96 34.57
N LEU B 199 -39.95 15.23 35.79
CA LEU B 199 -39.39 14.17 36.62
C LEU B 199 -40.48 13.25 37.16
N GLY B 200 -41.59 13.83 37.61
CA GLY B 200 -42.69 13.03 38.14
C GLY B 200 -43.40 12.21 37.09
N THR B 201 -43.24 12.53 35.81
CA THR B 201 -43.87 11.80 34.72
C THR B 201 -42.91 10.83 34.05
N GLN B 202 -41.78 11.31 33.57
CA GLN B 202 -40.79 10.46 32.91
C GLN B 202 -39.96 9.70 33.93
N THR B 203 -39.72 8.43 33.66
CA THR B 203 -38.93 7.57 34.53
C THR B 203 -37.67 7.16 33.76
N TYR B 204 -36.52 7.68 34.20
CA TYR B 204 -35.26 7.40 33.55
C TYR B 204 -34.61 6.17 34.16
N ILE B 205 -34.11 5.28 33.30
CA ILE B 205 -33.50 4.02 33.71
C ILE B 205 -32.07 3.98 33.23
N CYS B 206 -31.17 3.54 34.10
CA CYS B 206 -29.75 3.41 33.80
C CYS B 206 -29.42 1.95 33.51
N ASN B 207 -29.03 1.67 32.27
CA ASN B 207 -28.73 0.31 31.82
C ASN B 207 -27.26 0.23 31.43
N VAL B 208 -26.43 -0.21 32.36
CA VAL B 208 -25.01 -0.42 32.13
C VAL B 208 -24.78 -1.90 31.82
N ASN B 209 -24.08 -2.17 30.72
CA ASN B 209 -23.86 -3.54 30.26
C ASN B 209 -22.36 -3.78 30.14
N HIS B 210 -21.76 -4.42 31.16
CA HIS B 210 -20.42 -4.99 30.98
C HIS B 210 -20.45 -6.50 31.11
N LYS B 211 -20.66 -7.06 32.31
CA LYS B 211 -21.14 -8.43 32.41
C LYS B 211 -22.67 -8.49 32.59
N PRO B 212 -23.23 -7.79 33.62
CA PRO B 212 -24.68 -7.83 33.83
C PRO B 212 -25.42 -6.66 33.20
N SER B 213 -26.73 -6.58 33.45
CA SER B 213 -27.53 -5.42 33.13
C SER B 213 -28.58 -5.22 34.22
N ASN B 214 -28.67 -4.00 34.76
CA ASN B 214 -29.58 -3.69 35.84
C ASN B 214 -30.28 -2.37 35.57
N THR B 215 -31.19 -1.99 36.46
CA THR B 215 -31.96 -0.76 36.33
C THR B 215 -31.18 0.44 36.87
N GLU C 1 13.59 1.60 7.39
CA GLU C 1 12.58 2.20 8.26
C GLU C 1 12.63 3.72 8.21
N ILE C 2 11.46 4.34 8.24
CA ILE C 2 11.33 5.79 8.10
C ILE C 2 10.69 6.35 9.37
N VAL C 3 11.09 7.58 9.73
CA VAL C 3 10.60 8.26 10.92
C VAL C 3 9.89 9.54 10.49
N LEU C 4 8.75 9.81 11.12
CA LEU C 4 8.00 11.04 10.88
C LEU C 4 7.83 11.79 12.19
N THR C 5 8.03 13.10 12.14
CA THR C 5 7.94 13.98 13.31
C THR C 5 6.88 15.03 13.05
N GLN C 6 5.87 15.10 13.91
CA GLN C 6 4.79 16.07 13.81
C GLN C 6 5.05 17.20 14.81
N SER C 7 5.22 18.42 14.29
CA SER C 7 5.73 19.55 15.06
C SER C 7 4.72 20.18 16.02
N PRO C 8 3.50 20.57 15.58
CA PRO C 8 2.65 21.41 16.45
C PRO C 8 2.32 20.78 17.81
N GLY C 9 1.72 19.60 17.80
CA GLY C 9 1.33 18.97 19.07
C GLY C 9 0.03 19.44 19.68
N THR C 10 -0.14 20.75 19.87
CA THR C 10 -1.36 21.32 20.42
C THR C 10 -1.51 22.75 19.91
N LEU C 11 -2.69 23.06 19.39
CA LEU C 11 -2.97 24.39 18.83
C LEU C 11 -3.74 25.28 19.79
N SER C 12 -4.94 24.84 20.21
CA SER C 12 -5.80 25.59 21.12
C SER C 12 -6.10 27.00 20.55
N LEU C 13 -6.80 27.00 19.43
CA LEU C 13 -7.09 28.21 18.69
C LEU C 13 -8.54 28.65 18.91
N SER C 14 -8.95 29.70 18.20
CA SER C 14 -10.25 30.34 18.29
C SER C 14 -11.27 29.62 17.41
N PRO C 15 -12.58 29.85 17.64
CA PRO C 15 -13.60 29.21 16.80
C PRO C 15 -13.65 29.79 15.39
N GLY C 16 -12.73 29.33 14.55
CA GLY C 16 -12.68 29.72 13.15
C GLY C 16 -11.47 30.55 12.79
N GLU C 17 -10.46 29.87 12.25
CA GLU C 17 -9.23 30.46 11.72
C GLU C 17 -8.40 29.31 11.18
N ARG C 18 -7.36 29.65 10.42
CA ARG C 18 -6.53 28.63 9.79
C ARG C 18 -5.57 28.00 10.79
N ALA C 19 -5.61 26.68 10.89
CA ALA C 19 -4.71 25.90 11.72
C ALA C 19 -3.79 25.11 10.81
N THR C 20 -2.51 25.48 10.78
CA THR C 20 -1.53 24.86 9.89
C THR C 20 -0.76 23.82 10.70
N LEU C 21 -1.12 22.55 10.54
CA LEU C 21 -0.43 21.45 11.21
C LEU C 21 0.65 20.90 10.28
N SER C 22 1.87 20.82 10.79
CA SER C 22 3.02 20.39 10.00
C SER C 22 3.45 18.98 10.38
N CYS C 23 4.09 18.30 9.44
CA CYS C 23 4.57 16.94 9.63
C CYS C 23 5.76 16.71 8.72
N ARG C 24 6.93 16.51 9.33
CA ARG C 24 8.19 16.40 8.60
C ARG C 24 8.67 14.95 8.58
N ALA C 25 9.24 14.54 7.45
CA ALA C 25 9.75 13.20 7.27
C ALA C 25 11.27 13.22 7.21
N SER C 26 11.89 12.17 7.74
CA SER C 26 13.35 12.08 7.74
C SER C 26 13.90 11.90 6.33
N GLN C 27 13.29 11.02 5.54
CA GLN C 27 13.74 10.76 4.19
C GLN C 27 12.86 11.50 3.18
N SER C 28 13.28 11.44 1.91
CA SER C 28 12.55 12.07 0.81
C SER C 28 11.40 11.17 0.42
N VAL C 29 10.28 11.33 1.15
CA VAL C 29 9.09 10.51 0.90
C VAL C 29 8.42 10.96 -0.39
N ALA C 30 7.90 9.99 -1.14
CA ALA C 30 7.21 10.29 -2.38
C ALA C 30 6.02 11.22 -2.13
N SER C 31 5.78 12.09 -3.11
CA SER C 31 4.75 13.12 -2.98
C SER C 31 3.33 12.58 -3.03
N LYS C 32 3.12 11.27 -3.17
CA LYS C 32 1.79 10.71 -3.20
C LYS C 32 1.53 9.71 -2.09
N TYR C 33 2.56 9.29 -1.35
CA TYR C 33 2.46 8.20 -0.39
C TYR C 33 2.26 8.69 1.04
N LEU C 34 1.77 9.91 1.21
CA LEU C 34 1.50 10.46 2.54
C LEU C 34 0.00 10.63 2.74
N ALA C 35 -0.46 10.43 3.97
CA ALA C 35 -1.87 10.53 4.30
C ALA C 35 -2.05 11.35 5.56
N TRP C 36 -3.31 11.71 5.83
CA TRP C 36 -3.69 12.46 7.03
C TRP C 36 -4.98 11.87 7.57
N TYR C 37 -5.08 11.77 8.90
CA TYR C 37 -6.23 11.14 9.52
C TYR C 37 -6.76 12.02 10.64
N GLN C 38 -8.04 11.81 10.97
CA GLN C 38 -8.70 12.53 12.04
C GLN C 38 -9.38 11.52 12.96
N GLN C 39 -8.98 11.53 14.23
CA GLN C 39 -9.55 10.63 15.23
C GLN C 39 -10.17 11.46 16.35
N LYS C 40 -11.49 11.40 16.46
CA LYS C 40 -12.19 12.06 17.55
C LYS C 40 -12.13 11.19 18.80
N PRO C 41 -12.21 11.80 19.98
CA PRO C 41 -12.06 11.03 21.22
C PRO C 41 -13.12 9.93 21.34
N GLY C 42 -12.66 8.70 21.51
CA GLY C 42 -13.51 7.54 21.61
C GLY C 42 -13.81 6.86 20.30
N GLN C 43 -13.85 7.61 19.20
CA GLN C 43 -14.15 7.05 17.89
C GLN C 43 -12.87 6.52 17.24
N ALA C 44 -13.05 6.00 16.06
CA ALA C 44 -11.90 5.61 15.30
C ALA C 44 -11.52 6.67 14.33
N PRO C 45 -10.34 6.58 13.79
CA PRO C 45 -9.90 7.61 12.88
C PRO C 45 -10.56 7.56 11.57
N ARG C 46 -10.54 8.66 10.85
CA ARG C 46 -11.10 8.67 9.51
C ARG C 46 -10.19 9.35 8.56
N LEU C 47 -10.10 8.83 7.34
CA LEU C 47 -9.21 9.37 6.32
C LEU C 47 -9.54 10.82 6.00
N LEU C 48 -8.51 11.66 5.90
CA LEU C 48 -8.74 13.00 5.59
C LEU C 48 -8.17 13.34 4.27
N ILE C 49 -6.95 12.96 4.00
CA ILE C 49 -6.30 13.31 2.77
C ILE C 49 -5.46 12.17 2.33
N TYR C 50 -5.55 11.71 1.09
CA TYR C 50 -4.75 10.54 0.72
C TYR C 50 -3.59 10.59 -0.21
N GLY C 51 -3.58 11.52 -1.12
CA GLY C 51 -2.48 11.62 -2.03
C GLY C 51 -1.50 12.68 -1.70
N ALA C 52 -1.65 13.25 -0.50
CA ALA C 52 -0.98 14.36 0.19
C ALA C 52 -1.65 15.66 -0.06
N SER C 53 -2.46 15.71 -1.10
CA SER C 53 -3.27 16.81 -1.46
C SER C 53 -4.67 16.33 -1.73
N SER C 54 -4.84 15.10 -2.17
CA SER C 54 -6.13 14.55 -2.52
C SER C 54 -6.94 14.45 -1.33
N ARG C 55 -8.20 14.81 -1.42
CA ARG C 55 -9.06 14.78 -0.28
C ARG C 55 -10.02 13.72 -0.48
N ALA C 56 -10.33 13.04 0.57
CA ALA C 56 -11.18 11.90 0.41
C ALA C 56 -12.60 12.33 0.34
N THR C 57 -13.38 11.55 -0.35
CA THR C 57 -14.73 11.89 -0.59
C THR C 57 -15.45 12.06 0.65
N GLY C 58 -16.21 13.14 0.77
CA GLY C 58 -16.98 13.39 1.98
C GLY C 58 -16.33 14.43 2.87
N ILE C 59 -15.01 14.58 2.73
CA ILE C 59 -14.27 15.55 3.52
C ILE C 59 -14.69 16.97 3.17
N PRO C 60 -14.64 17.87 4.16
CA PRO C 60 -15.01 19.26 3.95
C PRO C 60 -13.95 20.04 3.19
N ASP C 61 -14.31 21.20 2.65
CA ASP C 61 -13.38 22.02 1.90
C ASP C 61 -12.32 22.64 2.81
N ARG C 62 -12.70 22.91 4.05
CA ARG C 62 -11.80 23.50 5.03
C ARG C 62 -10.51 22.69 5.15
N PHE C 63 -10.60 21.40 4.84
CA PHE C 63 -9.44 20.52 4.92
C PHE C 63 -8.61 20.59 3.64
N SER C 64 -7.49 21.30 3.70
CA SER C 64 -6.62 21.45 2.56
C SER C 64 -5.34 20.76 2.85
N GLY C 65 -4.70 20.25 1.82
CA GLY C 65 -3.47 19.53 2.01
C GLY C 65 -2.38 20.14 1.20
N SER C 66 -1.18 20.16 1.74
CA SER C 66 -0.03 20.68 1.05
C SER C 66 1.18 19.89 1.41
N GLY C 67 2.17 19.94 0.55
CA GLY C 67 3.40 19.28 0.82
C GLY C 67 4.13 18.66 -0.33
N SER C 68 5.44 18.62 -0.16
CA SER C 68 6.37 18.04 -1.11
C SER C 68 7.66 17.71 -0.41
N GLY C 69 8.45 16.79 -0.95
CA GLY C 69 9.72 16.50 -0.33
C GLY C 69 9.55 16.00 1.05
N THR C 70 10.09 16.68 2.04
CA THR C 70 9.89 16.26 3.41
C THR C 70 9.00 17.15 4.25
N ASP C 71 8.51 18.24 3.70
CA ASP C 71 7.68 19.12 4.51
C ASP C 71 6.24 19.05 4.06
N PHE C 72 5.40 18.46 4.89
CA PHE C 72 3.99 18.30 4.58
C PHE C 72 3.09 18.91 5.60
N THR C 73 2.14 19.72 5.16
CA THR C 73 1.25 20.42 6.05
C THR C 73 -0.20 20.33 5.69
N LEU C 74 -1.06 20.26 6.68
CA LEU C 74 -2.46 20.22 6.42
C LEU C 74 -3.05 21.43 7.05
N THR C 75 -3.86 22.12 6.28
CA THR C 75 -4.44 23.35 6.69
C THR C 75 -5.92 23.29 6.93
N ILE C 76 -6.32 23.52 8.15
CA ILE C 76 -7.71 23.53 8.47
C ILE C 76 -7.97 24.98 8.40
N SER C 77 -8.81 25.41 7.51
CA SER C 77 -8.96 26.85 7.38
C SER C 77 -10.02 27.39 8.24
N ARG C 78 -11.18 26.86 8.05
CA ARG C 78 -12.30 27.35 8.87
C ARG C 78 -12.49 26.40 10.04
N LEU C 79 -12.12 26.85 11.23
CA LEU C 79 -12.31 26.03 12.43
C LEU C 79 -13.73 26.17 12.96
N GLU C 80 -14.14 25.18 13.74
CA GLU C 80 -15.44 25.16 14.39
C GLU C 80 -15.40 24.07 15.47
N PRO C 81 -16.33 24.11 16.44
CA PRO C 81 -16.25 23.18 17.57
C PRO C 81 -16.23 21.71 17.18
N GLU C 82 -16.61 21.36 15.95
CA GLU C 82 -16.63 19.97 15.51
C GLU C 82 -15.29 19.49 14.97
N ASP C 83 -14.19 20.16 15.34
CA ASP C 83 -12.86 19.81 14.87
C ASP C 83 -11.90 19.60 16.04
N PHE C 84 -12.43 19.19 17.19
CA PHE C 84 -11.60 18.96 18.38
C PHE C 84 -10.68 17.75 18.25
N ALA C 85 -10.88 16.92 17.22
CA ALA C 85 -10.19 15.64 17.13
C ALA C 85 -8.68 15.82 17.02
N VAL C 86 -7.97 14.70 17.15
CA VAL C 86 -6.52 14.65 17.02
C VAL C 86 -6.18 14.13 15.63
N TYR C 87 -5.27 14.82 14.95
CA TYR C 87 -4.94 14.53 13.56
C TYR C 87 -3.55 13.93 13.45
N TYR C 88 -3.42 12.92 12.59
CA TYR C 88 -2.18 12.19 12.39
C TYR C 88 -1.77 12.22 10.92
N CYS C 89 -0.47 12.16 10.68
CA CYS C 89 0.08 12.00 9.34
C CYS C 89 0.68 10.60 9.22
N GLN C 90 0.31 9.90 8.15
CA GLN C 90 0.75 8.54 7.93
C GLN C 90 1.57 8.46 6.65
N TYR C 91 2.47 7.48 6.61
CA TYR C 91 3.20 7.14 5.40
C TYR C 91 2.93 5.68 5.05
N TYR C 92 2.55 5.44 3.80
CA TYR C 92 2.29 4.10 3.30
C TYR C 92 3.02 3.93 1.98
N GLY C 93 3.45 2.69 1.72
CA GLY C 93 4.20 2.40 0.51
C GLY C 93 5.47 1.62 0.76
N SER C 94 6.15 1.91 1.86
CA SER C 94 7.25 1.08 2.30
C SER C 94 6.75 0.01 3.26
N SER C 95 7.56 -1.02 3.48
CA SER C 95 7.14 -2.13 4.33
C SER C 95 6.78 -1.66 5.74
N PRO C 96 7.58 -0.85 6.45
CA PRO C 96 7.12 -0.31 7.74
C PRO C 96 6.23 0.92 7.53
N LEU C 97 4.95 0.77 7.82
CA LEU C 97 4.02 1.89 7.74
C LEU C 97 4.20 2.79 8.95
N THR C 98 4.42 4.08 8.70
CA THR C 98 4.74 5.05 9.74
C THR C 98 3.57 6.00 9.95
N PHE C 99 3.22 6.22 11.21
CA PHE C 99 2.24 7.21 11.61
C PHE C 99 2.94 8.40 12.27
N GLY C 100 2.14 9.42 12.58
CA GLY C 100 2.62 10.59 13.29
C GLY C 100 2.31 10.52 14.77
N GLN C 101 2.85 11.49 15.50
CA GLN C 101 2.62 11.57 16.94
C GLN C 101 1.26 12.16 17.29
N GLY C 102 0.59 12.80 16.34
CA GLY C 102 -0.69 13.42 16.60
C GLY C 102 -0.56 14.87 17.00
N THR C 103 -1.70 15.59 16.92
CA THR C 103 -1.74 17.00 17.28
C THR C 103 -3.17 17.31 17.72
N LYS C 104 -3.38 17.39 19.03
CA LYS C 104 -4.70 17.69 19.56
C LYS C 104 -5.04 19.16 19.32
N VAL C 105 -6.17 19.41 18.67
CA VAL C 105 -6.63 20.76 18.37
C VAL C 105 -7.80 21.08 19.29
N GLU C 106 -7.73 22.23 19.97
CA GLU C 106 -8.74 22.65 20.92
C GLU C 106 -9.45 23.90 20.41
N ILE C 107 -10.76 23.93 20.58
CA ILE C 107 -11.59 25.02 20.11
C ILE C 107 -11.91 25.94 21.28
N LYS C 108 -11.77 27.25 21.06
CA LYS C 108 -12.05 28.22 22.11
C LYS C 108 -13.56 28.36 22.32
N ARG C 109 -13.92 28.93 23.47
CA ARG C 109 -15.32 29.12 23.85
C ARG C 109 -15.37 30.18 24.93
N THR C 110 -16.42 31.00 24.90
CA THR C 110 -16.59 32.03 25.90
C THR C 110 -16.61 31.44 27.30
N VAL C 111 -16.17 32.22 28.29
CA VAL C 111 -16.05 31.75 29.66
C VAL C 111 -17.44 31.40 30.18
N ALA C 112 -17.69 30.12 30.42
CA ALA C 112 -18.98 29.62 30.88
C ALA C 112 -18.84 29.12 32.31
N ALA C 113 -19.80 29.50 33.16
CA ALA C 113 -19.77 29.08 34.55
C ALA C 113 -20.32 27.67 34.69
N PRO C 114 -19.73 26.86 35.56
CA PRO C 114 -20.22 25.48 35.73
C PRO C 114 -21.40 25.42 36.70
N SER C 115 -22.35 24.55 36.37
CA SER C 115 -23.48 24.28 37.25
C SER C 115 -23.14 23.07 38.12
N VAL C 116 -23.28 23.25 39.43
CA VAL C 116 -22.84 22.26 40.41
C VAL C 116 -24.03 21.43 40.86
N PHE C 117 -23.83 20.11 40.96
CA PHE C 117 -24.85 19.19 41.43
C PHE C 117 -24.18 18.15 42.31
N ILE C 118 -24.53 18.14 43.60
CA ILE C 118 -23.96 17.21 44.57
C ILE C 118 -24.93 16.05 44.77
N PHE C 119 -24.39 14.84 44.80
CA PHE C 119 -25.19 13.62 44.93
C PHE C 119 -24.73 12.82 46.15
N PRO C 120 -25.55 12.69 47.18
CA PRO C 120 -25.18 11.83 48.31
C PRO C 120 -25.16 10.38 47.91
N PRO C 121 -24.54 9.50 48.72
CA PRO C 121 -24.53 8.08 48.37
C PRO C 121 -25.92 7.46 48.54
N SER C 122 -26.23 6.52 47.66
CA SER C 122 -27.51 5.83 47.72
C SER C 122 -27.51 4.81 48.85
N ASP C 123 -28.71 4.55 49.38
CA ASP C 123 -28.85 3.55 50.44
C ASP C 123 -28.45 2.16 49.95
N GLU C 124 -28.65 1.87 48.66
CA GLU C 124 -28.21 0.60 48.10
C GLU C 124 -26.70 0.45 48.23
N GLN C 125 -25.96 1.55 48.10
CA GLN C 125 -24.51 1.51 48.26
C GLN C 125 -24.10 1.47 49.72
N LEU C 126 -24.88 2.12 50.60
CA LEU C 126 -24.61 2.03 52.04
C LEU C 126 -24.75 0.60 52.54
N LYS C 127 -25.69 -0.17 51.98
CA LYS C 127 -25.82 -1.57 52.33
C LYS C 127 -24.58 -2.37 51.96
N SER C 128 -23.75 -1.86 51.05
CA SER C 128 -22.51 -2.54 50.70
C SER C 128 -21.41 -2.26 51.71
N GLY C 129 -21.43 -1.09 52.35
CA GLY C 129 -20.45 -0.74 53.34
C GLY C 129 -19.40 0.26 52.92
N THR C 130 -19.64 1.01 51.84
CA THR C 130 -18.67 2.00 51.37
C THR C 130 -19.45 3.12 50.69
N ALA C 131 -19.39 4.32 51.26
CA ALA C 131 -20.15 5.46 50.77
C ALA C 131 -19.33 6.27 49.76
N SER C 132 -20.03 6.87 48.82
CA SER C 132 -19.39 7.70 47.79
C SER C 132 -20.30 8.88 47.48
N VAL C 133 -19.77 10.10 47.67
CA VAL C 133 -20.49 11.33 47.37
C VAL C 133 -19.91 11.92 46.10
N VAL C 134 -20.77 12.20 45.13
CA VAL C 134 -20.35 12.71 43.83
C VAL C 134 -20.65 14.20 43.76
N CYS C 135 -19.77 14.93 43.08
CA CYS C 135 -20.00 16.34 42.78
C CYS C 135 -19.84 16.54 41.28
N LEU C 136 -20.79 17.25 40.68
CA LEU C 136 -20.90 17.33 39.22
C LEU C 136 -20.78 18.77 38.76
N LEU C 137 -19.88 19.01 37.81
CA LEU C 137 -19.78 20.27 37.09
C LEU C 137 -20.17 19.99 35.64
N ASN C 138 -21.34 20.50 35.23
CA ASN C 138 -21.93 20.07 33.96
C ASN C 138 -21.20 20.67 32.76
N ASN C 139 -21.24 22.00 32.63
CA ASN C 139 -20.72 22.66 31.44
C ASN C 139 -19.88 23.86 31.86
N PHE C 140 -18.62 23.88 31.40
CA PHE C 140 -17.71 24.99 31.62
C PHE C 140 -16.51 24.87 30.68
N TYR C 141 -16.16 25.95 29.99
CA TYR C 141 -15.07 25.90 29.04
C TYR C 141 -13.67 25.95 29.67
N PRO C 142 -13.38 26.86 30.61
CA PRO C 142 -11.99 27.01 31.07
C PRO C 142 -11.28 25.73 31.44
N ARG C 143 -12.00 24.73 31.95
CA ARG C 143 -11.47 23.39 32.27
C ARG C 143 -10.56 23.43 33.49
N GLU C 144 -10.18 24.62 33.95
CA GLU C 144 -9.46 24.78 35.21
C GLU C 144 -10.49 25.15 36.26
N ALA C 145 -10.75 24.21 37.16
CA ALA C 145 -11.67 24.41 38.26
C ALA C 145 -11.20 23.52 39.42
N LYS C 146 -11.28 24.06 40.62
CA LYS C 146 -10.85 23.33 41.80
C LYS C 146 -12.07 22.90 42.60
N VAL C 147 -12.17 21.60 42.84
CA VAL C 147 -13.29 21.00 43.54
C VAL C 147 -12.74 20.47 44.86
N GLN C 148 -12.90 21.26 45.92
CA GLN C 148 -12.42 20.90 47.25
C GLN C 148 -13.57 20.31 48.05
N TRP C 149 -13.40 19.08 48.53
CA TRP C 149 -14.40 18.48 49.39
C TRP C 149 -14.25 19.02 50.82
N LYS C 150 -15.34 18.95 51.57
CA LYS C 150 -15.37 19.51 52.91
C LYS C 150 -16.35 18.73 53.76
N VAL C 151 -15.89 18.20 54.88
CA VAL C 151 -16.70 17.42 55.80
C VAL C 151 -16.64 18.10 57.16
N ASP C 152 -17.75 18.69 57.59
CA ASP C 152 -17.84 19.41 58.86
C ASP C 152 -16.81 20.55 58.91
N ASN C 153 -16.72 21.30 57.82
CA ASN C 153 -15.75 22.39 57.67
C ASN C 153 -14.33 21.88 57.89
N ALA C 154 -13.97 20.80 57.21
CA ALA C 154 -12.63 20.24 57.25
C ALA C 154 -12.26 19.76 55.86
N LEU C 155 -11.17 20.27 55.32
CA LEU C 155 -10.76 19.95 53.95
C LEU C 155 -10.36 18.48 53.84
N GLN C 156 -10.80 17.85 52.75
CA GLN C 156 -10.44 16.47 52.43
C GLN C 156 -9.45 16.48 51.28
N SER C 157 -8.36 15.74 51.44
CA SER C 157 -7.23 15.85 50.52
C SER C 157 -7.03 14.61 49.66
N GLY C 158 -6.87 13.43 50.25
CA GLY C 158 -6.46 12.27 49.49
C GLY C 158 -7.47 11.15 49.45
N ASN C 159 -8.71 11.44 49.83
CA ASN C 159 -9.78 10.44 49.86
C ASN C 159 -10.80 10.66 48.74
N SER C 160 -10.41 11.36 47.68
CA SER C 160 -11.33 11.69 46.59
C SER C 160 -10.62 11.58 45.25
N GLN C 161 -11.40 11.33 44.21
CA GLN C 161 -10.94 11.28 42.84
C GLN C 161 -11.69 12.32 42.01
N GLU C 162 -11.16 12.61 40.82
CA GLU C 162 -11.79 13.54 39.91
C GLU C 162 -11.65 13.02 38.48
N SER C 163 -12.72 13.18 37.70
CA SER C 163 -12.75 12.76 36.30
C SER C 163 -13.26 13.92 35.46
N VAL C 164 -12.58 14.18 34.34
CA VAL C 164 -12.91 15.29 33.46
C VAL C 164 -13.09 14.75 32.05
N THR C 165 -14.24 15.05 31.45
CA THR C 165 -14.47 14.70 30.05
C THR C 165 -13.73 15.68 29.14
N GLU C 166 -13.32 15.19 27.98
CA GLU C 166 -12.67 16.05 27.02
C GLU C 166 -13.69 17.00 26.38
N GLN C 167 -13.18 18.03 25.71
CA GLN C 167 -14.02 19.05 25.11
C GLN C 167 -14.94 18.44 24.06
N ASP C 168 -16.24 18.56 24.27
CA ASP C 168 -17.20 18.00 23.33
C ASP C 168 -17.20 18.81 22.04
N SER C 169 -17.80 18.22 21.00
CA SER C 169 -17.77 18.80 19.67
C SER C 169 -18.95 19.70 19.37
N LYS C 170 -19.86 19.93 20.32
CA LYS C 170 -21.03 20.75 20.06
C LYS C 170 -20.82 22.20 20.46
N ASP C 171 -20.57 22.45 21.75
CA ASP C 171 -20.43 23.80 22.27
C ASP C 171 -19.06 24.04 22.90
N SER C 172 -18.15 23.07 22.81
CA SER C 172 -16.79 23.21 23.32
C SER C 172 -16.79 23.52 24.82
N THR C 173 -17.29 22.56 25.59
CA THR C 173 -17.36 22.66 27.03
C THR C 173 -16.79 21.40 27.66
N TYR C 174 -16.56 21.47 28.97
CA TYR C 174 -16.01 20.37 29.75
C TYR C 174 -16.96 20.00 30.89
N SER C 175 -16.70 18.85 31.49
CA SER C 175 -17.49 18.35 32.61
C SER C 175 -16.59 17.66 33.61
N LEU C 176 -16.92 17.80 34.90
CA LEU C 176 -16.12 17.25 35.98
C LEU C 176 -17.01 16.45 36.91
N SER C 177 -16.49 15.32 37.40
CA SER C 177 -17.19 14.48 38.36
C SER C 177 -16.18 14.06 39.42
N SER C 178 -16.33 14.62 40.62
CA SER C 178 -15.43 14.33 41.73
C SER C 178 -16.13 13.39 42.71
N THR C 179 -15.51 12.24 42.97
CA THR C 179 -16.09 11.21 43.82
C THR C 179 -15.29 11.14 45.12
N LEU C 180 -15.94 11.52 46.23
CA LEU C 180 -15.36 11.40 47.57
C LEU C 180 -15.85 10.09 48.17
N THR C 181 -14.93 9.16 48.37
CA THR C 181 -15.26 7.82 48.88
C THR C 181 -14.89 7.75 50.36
N LEU C 182 -15.90 7.76 51.22
CA LEU C 182 -15.72 7.62 52.66
C LEU C 182 -16.21 6.26 53.13
N SER C 183 -15.72 5.86 54.31
CA SER C 183 -16.10 4.58 54.88
C SER C 183 -17.56 4.62 55.32
N LYS C 184 -18.10 3.43 55.64
CA LYS C 184 -19.48 3.33 56.08
C LYS C 184 -19.68 4.02 57.42
N ALA C 185 -18.97 3.56 58.45
CA ALA C 185 -19.06 4.19 59.76
C ALA C 185 -18.57 5.63 59.73
N ASP C 186 -17.57 5.92 58.88
CA ASP C 186 -17.11 7.30 58.75
C ASP C 186 -18.21 8.19 58.19
N TYR C 187 -19.01 7.67 57.26
CA TYR C 187 -20.14 8.45 56.76
C TYR C 187 -21.22 8.62 57.82
N GLU C 188 -21.41 7.60 58.66
CA GLU C 188 -22.41 7.70 59.72
C GLU C 188 -21.96 8.60 60.86
N LYS C 189 -20.67 8.90 60.96
CA LYS C 189 -20.15 9.71 62.05
C LYS C 189 -20.21 11.21 61.76
N HIS C 190 -20.53 11.61 60.54
CA HIS C 190 -20.52 13.02 60.17
C HIS C 190 -21.88 13.43 59.61
N LYS C 191 -22.23 14.69 59.83
CA LYS C 191 -23.57 15.18 59.55
C LYS C 191 -23.69 15.95 58.24
N VAL C 192 -22.73 16.83 57.94
CA VAL C 192 -22.81 17.66 56.75
C VAL C 192 -21.72 17.26 55.77
N TYR C 193 -21.98 17.54 54.48
CA TYR C 193 -21.02 17.26 53.42
C TYR C 193 -21.16 18.35 52.37
N ALA C 194 -20.03 19.00 52.04
CA ALA C 194 -20.03 20.17 51.17
C ALA C 194 -19.01 19.98 50.04
N CYS C 195 -19.41 20.41 48.84
CA CYS C 195 -18.54 20.42 47.68
C CYS C 195 -18.33 21.87 47.25
N GLU C 196 -17.09 22.33 47.34
CA GLU C 196 -16.76 23.71 46.99
C GLU C 196 -16.08 23.75 45.63
N VAL C 197 -16.57 24.63 44.76
CA VAL C 197 -16.06 24.76 43.39
C VAL C 197 -15.59 26.20 43.20
N THR C 198 -14.31 26.35 42.88
CA THR C 198 -13.74 27.65 42.51
C THR C 198 -13.40 27.61 41.03
N HIS C 199 -14.03 28.48 40.26
CA HIS C 199 -13.89 28.46 38.81
C HIS C 199 -13.92 29.89 38.27
N GLN C 200 -13.21 30.08 37.16
CA GLN C 200 -13.18 31.38 36.50
C GLN C 200 -14.56 31.74 35.98
N GLY C 201 -14.85 33.04 35.94
CA GLY C 201 -16.14 33.52 35.49
C GLY C 201 -17.23 33.49 36.53
N LEU C 202 -16.92 33.10 37.76
CA LEU C 202 -17.90 33.09 38.85
C LEU C 202 -17.73 34.24 39.81
N SER C 203 -16.50 34.71 40.01
CA SER C 203 -16.16 35.78 40.96
C SER C 203 -16.54 35.44 42.39
N SER C 204 -16.91 34.19 42.67
CA SER C 204 -17.28 33.74 44.00
C SER C 204 -17.28 32.21 44.05
N PRO C 205 -16.61 31.60 45.03
CA PRO C 205 -16.66 30.14 45.15
C PRO C 205 -18.07 29.66 45.46
N VAL C 206 -18.52 28.65 44.73
CA VAL C 206 -19.87 28.12 44.87
C VAL C 206 -19.79 26.79 45.61
N THR C 207 -20.53 26.69 46.72
CA THR C 207 -20.53 25.51 47.57
C THR C 207 -21.91 24.88 47.58
N LYS C 208 -21.98 23.60 47.29
CA LYS C 208 -23.21 22.82 47.34
C LYS C 208 -23.06 21.79 48.45
N SER C 209 -23.87 21.92 49.50
CA SER C 209 -23.77 21.08 50.69
C SER C 209 -25.11 20.42 50.98
N PHE C 210 -25.08 19.48 51.93
CA PHE C 210 -26.30 18.81 52.38
C PHE C 210 -26.04 18.21 53.75
N ASN C 211 -27.11 18.12 54.55
CA ASN C 211 -27.06 17.45 55.83
C ASN C 211 -27.44 15.98 55.66
N ARG C 212 -26.67 15.10 56.28
CA ARG C 212 -26.96 13.67 56.21
C ARG C 212 -28.27 13.37 56.92
N GLY C 213 -29.23 12.80 56.19
CA GLY C 213 -30.54 12.52 56.76
C GLY C 213 -31.57 13.57 56.44
N GLU C 214 -31.67 13.95 55.17
CA GLU C 214 -32.68 14.92 54.73
C GLU C 214 -33.64 14.31 53.71
C1 NAG D . -20.75 -11.50 -10.30
C2 NAG D . -21.97 -12.03 -9.55
C3 NAG D . -22.43 -11.02 -8.50
C4 NAG D . -21.27 -10.64 -7.59
C5 NAG D . -20.07 -10.18 -8.42
C6 NAG D . -18.84 -9.93 -7.57
C7 NAG D . -23.69 -13.51 -10.49
C8 NAG D . -24.78 -13.66 -11.50
N2 NAG D . -23.05 -12.34 -10.47
O3 NAG D . -23.49 -11.57 -7.75
O4 NAG D . -21.66 -9.58 -6.72
O5 NAG D . -19.71 -11.20 -9.37
O6 NAG D . -19.11 -10.11 -6.20
O7 NAG D . -23.40 -14.41 -9.71
C1 NAG E . 30.70 -19.95 -22.92
C2 NAG E . 31.52 -19.76 -24.19
C3 NAG E . 31.96 -21.11 -24.74
C4 NAG E . 32.67 -21.93 -23.66
C5 NAG E . 31.80 -22.03 -22.42
C6 NAG E . 32.49 -22.72 -21.27
C7 NAG E . 31.27 -18.00 -25.88
C8 NAG E . 32.69 -17.64 -25.59
N2 NAG E . 30.77 -19.02 -25.19
O3 NAG E . 32.82 -20.91 -25.85
O4 NAG E . 32.96 -23.23 -24.15
O5 NAG E . 31.45 -20.71 -21.96
O6 NAG E . 32.09 -24.07 -21.17
O7 NAG E . 30.61 -17.39 -26.72
C1 NAG F . 1.16 6.95 -19.98
C2 NAG F . 0.21 7.35 -21.11
C3 NAG F . 0.89 8.32 -22.06
C4 NAG F . 1.48 9.51 -21.29
C5 NAG F . 2.38 9.00 -20.17
C6 NAG F . 2.90 10.12 -19.30
C7 NAG F . -1.48 6.13 -22.42
C8 NAG F . -1.81 4.85 -23.12
N2 NAG F . -0.28 6.18 -21.83
O3 NAG F . -0.05 8.78 -23.02
O4 NAG F . 2.23 10.33 -22.17
O5 NAG F . 1.64 8.12 -19.31
O6 NAG F . 1.95 10.50 -18.30
O7 NAG F . -2.25 7.08 -22.40
C1 NAG G . 0.32 -25.79 -22.22
C2 NAG G . -0.25 -24.90 -23.32
C3 NAG G . 0.22 -25.36 -24.69
C4 NAG G . 1.74 -25.49 -24.71
C5 NAG G . 2.21 -26.37 -23.57
C6 NAG G . 3.72 -26.45 -23.46
C7 NAG G . -2.43 -23.83 -23.69
C8 NAG G . -3.91 -23.96 -23.56
N2 NAG G . -1.70 -24.86 -23.26
O3 NAG G . -0.21 -24.43 -25.68
O4 NAG G . 2.15 -26.06 -25.95
O5 NAG G . 1.74 -25.84 -22.32
O6 NAG G . 4.14 -27.69 -22.93
O7 NAG G . -1.90 -22.82 -24.17
C1 NAG H . 30.32 6.12 -22.42
C2 NAG H . 31.46 5.12 -22.29
C3 NAG H . 32.15 5.26 -20.93
C4 NAG H . 32.56 6.71 -20.70
C5 NAG H . 31.37 7.64 -20.89
C6 NAG H . 31.74 9.10 -20.78
C7 NAG H . 31.75 2.78 -23.00
C8 NAG H . 31.10 1.44 -23.12
N2 NAG H . 31.00 3.75 -22.48
O3 NAG H . 33.28 4.41 -20.88
O4 NAG H . 33.07 6.87 -19.38
O5 NAG H . 30.80 7.45 -22.19
O6 NAG H . 31.39 9.81 -21.96
O7 NAG H . 32.91 2.98 -23.36
C1 NAG I . 28.95 15.81 -44.91
C2 NAG I . 28.59 14.63 -45.81
C3 NAG I . 27.84 15.10 -47.05
C4 NAG I . 26.64 15.96 -46.64
C5 NAG I . 27.09 17.08 -45.72
C6 NAG I . 25.93 17.91 -45.19
C7 NAG I . 30.81 14.36 -46.88
C8 NAG I . 31.92 13.40 -47.17
N2 NAG I . 29.78 13.86 -46.18
O3 NAG I . 27.40 13.98 -47.80
O4 NAG I . 26.03 16.52 -47.81
O5 NAG I . 27.76 16.54 -44.58
O6 NAG I . 25.11 18.36 -46.25
O7 NAG I . 30.84 15.52 -47.29
C1 NAG J . 22.55 -18.16 -50.75
C2 NAG J . 22.90 -17.56 -52.12
C3 NAG J . 21.69 -16.84 -52.71
C4 NAG J . 20.48 -17.77 -52.74
C5 NAG J . 20.24 -18.36 -51.36
C6 NAG J . 19.13 -19.38 -51.34
C7 NAG J . 24.08 -15.54 -51.30
C8 NAG J . 25.36 -14.78 -51.36
N2 NAG J . 24.05 -16.67 -52.03
O3 NAG J . 22.01 -16.41 -54.03
O4 NAG J . 19.33 -17.05 -53.17
O5 NAG J . 21.42 -19.02 -50.88
O6 NAG J . 17.95 -18.87 -51.95
O7 NAG J . 23.12 -15.16 -50.64
C1 NAG K . 37.95 -1.92 -31.83
C2 NAG K . 39.36 -1.98 -31.23
C3 NAG K . 40.19 -3.03 -31.95
C4 NAG K . 39.47 -4.37 -31.94
C5 NAG K . 38.06 -4.21 -32.51
C6 NAG K . 37.23 -5.48 -32.43
C7 NAG K . 39.81 0.29 -30.41
C8 NAG K . 40.57 1.56 -30.63
N2 NAG K . 40.01 -0.68 -31.30
O3 NAG K . 41.45 -3.17 -31.31
O4 NAG K . 40.18 -5.32 -32.73
O5 NAG K . 37.35 -3.21 -31.78
O6 NAG K . 36.04 -5.37 -33.17
O7 NAG K . 39.04 0.15 -29.46
C1 GOL L . 10.88 -27.65 -7.26
O1 GOL L . 11.18 -27.57 -5.88
C2 GOL L . 12.18 -27.48 -8.00
O2 GOL L . 13.00 -28.58 -7.64
C3 GOL L . 11.97 -27.48 -9.50
O3 GOL L . 13.03 -26.77 -10.09
#